data_3HI0
#
_entry.id   3HI0
#
_cell.length_a   56.327
_cell.length_b   66.302
_cell.length_c   329.654
_cell.angle_alpha   90.000
_cell.angle_beta   90.000
_cell.angle_gamma   90.000
#
_symmetry.space_group_name_H-M   'P 21 21 21'
#
loop_
_entity.id
_entity.type
_entity.pdbx_description
1 polymer 'Putative exopolyphosphatase'
2 non-polymer (4S)-2-METHYL-2,4-PENTANEDIOL
3 non-polymer 'ACETATE ION'
4 non-polymer 'CHLORIDE ION'
5 water water
#
_entity_poly.entity_id   1
_entity_poly.type   'polypeptide(L)'
_entity_poly.pdbx_seq_one_letter_code
;G(MSE)TRSEAQGRLTGLAPVSVIDIGSNSVRLVVYEGLSRAPAVLFNEKVLCGLGKGLALTGR(MSE)HEEGVTRAL
(MSE)ALRRFHVLSEQAQAQKLYVLATAAAREAENGPDFIREAEAILGCEIEVLSGEKEALYSAYGVISGFYQPDGIAGD
LGGGSLELIDIKDKSCGEGITLPLGGLRLSEQSDGSLEKAATIARKHVKSFAKLLAAGEGRTFYAVGGTWRNIAKLH
(MSE)EISGYPLH(MSE)(MSE)QGYELPLEE(MSE)LNFLEEVIVSRDSKDPAWQAVSKNRRSLLPFGAIA(MSE)REV
LRA(MSE)KPAKIAFSAQGVREGYLYSLLTEAERESDPLLVAADELAILRARSPEHARELADWSGRTFPVFGIDETEEES
RYRQAACLLADISWRAHPDYRGLQALNIIAHSSFVAITHPGRAYIALANYYRFEGLNDNGTTEPLAA(MSE)AGERLQEL
GKLLGGLLRVVYLFSAS(MSE)PGVVDHLKFRKSDNPDIDLEFVVPHDYCDFAGERLDGRLQQLAKLTGKRLAFVFE
;
_entity_poly.pdbx_strand_id   A,B
#
loop_
_chem_comp.id
_chem_comp.type
_chem_comp.name
_chem_comp.formula
ACT non-polymer 'ACETATE ION' 'C2 H3 O2 -1'
CL non-polymer 'CHLORIDE ION' 'Cl -1'
MPD non-polymer (4S)-2-METHYL-2,4-PENTANEDIOL 'C6 H14 O2'
#
# COMPACT_ATOMS: atom_id res chain seq x y z
N ARG A 4 -12.72 24.07 3.11
CA ARG A 4 -13.20 22.77 3.66
C ARG A 4 -12.85 21.61 2.72
N SER A 5 -12.96 20.37 3.21
CA SER A 5 -12.67 19.17 2.39
C SER A 5 -13.21 17.85 2.96
N GLU A 6 -13.50 16.93 2.02
CA GLU A 6 -13.87 15.53 2.28
C GLU A 6 -12.75 14.63 2.76
N ALA A 7 -11.52 15.14 2.76
CA ALA A 7 -10.31 14.34 3.04
C ALA A 7 -10.35 13.61 4.38
N GLN A 8 -10.59 12.32 4.34
CA GLN A 8 -10.45 11.47 5.54
C GLN A 8 -9.01 11.01 5.77
N GLY A 9 -8.10 11.35 4.84
CA GLY A 9 -6.70 10.87 4.89
C GLY A 9 -5.72 11.89 5.43
N ARG A 10 -6.24 12.88 6.15
CA ARG A 10 -5.49 13.90 6.87
C ARG A 10 -5.75 13.67 8.35
N LEU A 11 -4.68 13.56 9.15
CA LEU A 11 -4.83 13.51 10.59
C LEU A 11 -5.48 14.80 11.10
N THR A 12 -6.42 14.62 12.01
CA THR A 12 -7.29 15.71 12.43
C THR A 12 -6.61 16.57 13.51
N GLY A 13 -6.97 17.85 13.53
CA GLY A 13 -6.41 18.80 14.51
C GLY A 13 -4.96 19.19 14.30
N LEU A 14 -4.51 19.21 13.04
CA LEU A 14 -3.16 19.60 12.70
C LEU A 14 -3.23 20.67 11.63
N ALA A 15 -2.56 21.78 11.90
CA ALA A 15 -2.31 22.84 10.94
C ALA A 15 -0.97 22.51 10.32
N PRO A 16 -0.86 22.52 8.97
CA PRO A 16 0.46 22.26 8.40
C PRO A 16 1.54 23.31 8.76
N VAL A 17 2.77 22.84 8.98
CA VAL A 17 3.90 23.71 9.30
C VAL A 17 5.02 23.57 8.27
N SER A 18 5.43 24.70 7.69
CA SER A 18 6.60 24.77 6.78
C SER A 18 7.91 25.11 7.51
N VAL A 19 9.00 24.53 7.03
CA VAL A 19 10.34 24.88 7.47
C VAL A 19 11.16 25.04 6.21
N ILE A 20 11.75 26.22 6.03
CA ILE A 20 12.73 26.43 4.97
C ILE A 20 14.07 26.44 5.66
N ASP A 21 15.06 25.76 5.09
CA ASP A 21 16.40 25.90 5.59
C ASP A 21 17.44 26.23 4.50
N ILE A 22 18.27 27.22 4.83
CA ILE A 22 19.24 27.79 3.91
C ILE A 22 20.60 27.34 4.37
N GLY A 23 21.25 26.47 3.61
CA GLY A 23 22.54 25.94 4.01
C GLY A 23 23.64 26.35 3.07
N SER A 24 24.82 25.80 3.33
CA SER A 24 25.99 26.06 2.50
C SER A 24 25.86 25.55 1.06
N ASN A 25 25.24 24.38 0.89
N ASN A 25 25.24 24.38 0.89
CA ASN A 25 25.13 23.74 -0.42
C ASN A 25 23.76 23.85 -1.09
C ASN A 25 23.75 23.88 -1.08
N SER A 26 22.70 23.91 -0.28
CA SER A 26 21.32 23.91 -0.79
C SER A 26 20.34 24.76 0.03
N VAL A 27 19.18 24.97 -0.58
CA VAL A 27 18.00 25.55 0.06
C VAL A 27 16.89 24.51 -0.06
N ARG A 28 16.19 24.23 1.05
CA ARG A 28 15.15 23.22 1.08
C ARG A 28 13.84 23.71 1.73
N LEU A 29 12.74 23.14 1.27
CA LEU A 29 11.41 23.38 1.86
C LEU A 29 10.85 22.06 2.29
N VAL A 30 10.40 21.94 3.53
CA VAL A 30 9.58 20.80 3.93
C VAL A 30 8.27 21.32 4.54
N VAL A 31 7.15 20.76 4.09
CA VAL A 31 5.85 20.99 4.73
C VAL A 31 5.46 19.74 5.48
N TYR A 32 5.26 19.89 6.79
CA TYR A 32 4.76 18.82 7.63
C TYR A 32 3.24 18.96 7.85
N GLU A 33 2.56 17.82 7.94
CA GLU A 33 1.14 17.79 8.35
C GLU A 33 0.81 18.67 9.52
N GLY A 34 1.70 18.71 10.50
CA GLY A 34 1.53 19.62 11.62
C GLY A 34 2.68 19.56 12.58
N LEU A 35 2.63 20.40 13.60
CA LEU A 35 3.66 20.40 14.63
C LEU A 35 3.29 19.31 15.64
N SER A 36 3.76 18.10 15.39
CA SER A 36 3.45 16.99 16.28
C SER A 36 4.65 16.04 16.32
N ARG A 37 4.57 15.00 17.15
CA ARG A 37 5.70 14.09 17.34
C ARG A 37 6.04 13.27 16.09
N ALA A 38 5.05 12.83 15.34
CA ALA A 38 5.32 12.00 14.19
C ALA A 38 4.39 12.32 13.02
N PRO A 39 4.52 13.54 12.45
CA PRO A 39 3.66 13.97 11.34
C PRO A 39 4.22 13.51 9.97
N ALA A 40 3.34 13.27 9.00
CA ALA A 40 3.79 12.98 7.64
C ALA A 40 4.24 14.26 6.92
N VAL A 41 5.08 14.06 5.90
CA VAL A 41 5.60 15.14 5.08
C VAL A 41 4.59 15.35 3.96
N LEU A 42 3.97 16.53 3.94
CA LEU A 42 3.05 16.88 2.87
C LEU A 42 3.80 17.28 1.62
N PHE A 43 4.91 17.98 1.76
CA PHE A 43 5.64 18.49 0.60
C PHE A 43 7.13 18.63 0.93
N ASN A 44 7.95 18.55 -0.10
CA ASN A 44 9.39 18.33 0.03
C ASN A 44 10.12 18.81 -1.23
N GLU A 45 11.03 19.77 -1.10
CA GLU A 45 11.81 20.24 -2.28
C GLU A 45 13.19 20.78 -1.89
N LYS A 46 14.16 20.52 -2.74
CA LYS A 46 15.57 20.84 -2.48
C LYS A 46 16.10 21.40 -3.75
N VAL A 47 16.74 22.56 -3.65
CA VAL A 47 17.48 23.16 -4.76
C VAL A 47 18.93 23.33 -4.33
N LEU A 48 19.86 22.84 -5.16
CA LEU A 48 21.30 22.98 -4.92
C LEU A 48 21.73 24.37 -5.42
N CYS A 49 22.30 25.18 -4.53
CA CYS A 49 22.63 26.58 -4.84
C CYS A 49 24.12 26.89 -4.80
N GLY A 50 24.83 26.26 -3.86
CA GLY A 50 26.28 26.51 -3.72
C GLY A 50 26.56 27.89 -3.17
N LEU A 51 25.80 28.30 -2.16
CA LEU A 51 25.98 29.61 -1.52
C LEU A 51 27.38 29.77 -0.87
N GLY A 52 27.92 28.68 -0.33
CA GLY A 52 29.18 28.74 0.40
C GLY A 52 30.42 28.60 -0.46
N LYS A 53 30.22 28.41 -1.76
CA LYS A 53 31.32 28.26 -2.72
C LYS A 53 32.17 29.53 -2.74
N GLY A 54 33.47 29.38 -2.47
CA GLY A 54 34.36 30.53 -2.39
C GLY A 54 34.34 31.31 -1.10
N LEU A 55 33.36 31.07 -0.22
CA LEU A 55 33.16 31.89 0.98
C LEU A 55 34.36 31.86 1.92
N ALA A 56 34.93 30.66 2.10
CA ALA A 56 36.12 30.48 2.95
C ALA A 56 37.23 31.50 2.63
N LEU A 57 37.58 31.60 1.35
CA LEU A 57 38.65 32.47 0.93
C LEU A 57 38.18 33.91 0.76
N THR A 58 37.03 34.12 0.13
CA THR A 58 36.61 35.50 -0.23
C THR A 58 35.85 36.24 0.86
N GLY A 59 35.24 35.51 1.79
CA GLY A 59 34.35 36.13 2.78
C GLY A 59 33.02 36.58 2.17
N ARG A 60 32.71 36.11 0.96
CA ARG A 60 31.43 36.44 0.34
C ARG A 60 30.87 35.27 -0.44
N MSE A 61 29.54 35.22 -0.57
CA MSE A 61 28.85 34.16 -1.32
C MSE A 61 28.78 34.56 -2.78
O MSE A 61 28.74 35.75 -3.10
CB MSE A 61 27.43 34.00 -0.81
CG MSE A 61 27.30 33.66 0.68
SE MSE A 61 25.46 33.74 1.28
CE MSE A 61 25.09 35.62 1.04
N HIS A 62 28.74 33.55 -3.68
CA HIS A 62 28.69 33.81 -5.13
C HIS A 62 27.37 34.48 -5.48
N GLU A 63 27.42 35.40 -6.43
CA GLU A 63 26.22 36.07 -6.95
C GLU A 63 25.28 35.02 -7.57
N GLU A 64 25.86 34.07 -8.31
CA GLU A 64 25.10 33.00 -8.96
C GLU A 64 24.39 32.07 -7.96
N GLY A 65 25.05 31.75 -6.85
CA GLY A 65 24.41 31.03 -5.75
C GLY A 65 23.34 31.84 -5.04
N VAL A 66 23.60 33.12 -4.77
CA VAL A 66 22.60 34.03 -4.16
C VAL A 66 21.39 34.19 -5.07
N THR A 67 21.62 34.39 -6.36
CA THR A 67 20.51 34.45 -7.34
C THR A 67 19.61 33.20 -7.38
N ARG A 68 20.23 32.03 -7.41
CA ARG A 68 19.50 30.76 -7.43
C ARG A 68 18.74 30.50 -6.13
N ALA A 69 19.33 30.86 -5.00
CA ALA A 69 18.69 30.65 -3.69
C ALA A 69 17.46 31.52 -3.57
N LEU A 70 17.54 32.74 -4.09
CA LEU A 70 16.41 33.67 -4.02
C LEU A 70 15.26 33.23 -4.91
N MSE A 71 15.57 32.62 -6.06
CA MSE A 71 14.54 32.04 -6.94
CA MSE A 71 14.57 32.03 -6.95
C MSE A 71 13.92 30.80 -6.30
O MSE A 71 12.71 30.57 -6.42
CB MSE A 71 15.09 31.70 -8.34
CB MSE A 71 15.20 31.62 -8.28
CG MSE A 71 14.00 31.28 -9.36
CG MSE A 71 15.54 32.79 -9.19
SE MSE A 71 14.70 30.64 -11.12
SE MSE A 71 13.91 33.61 -9.85
CE MSE A 71 14.84 28.72 -10.76
CE MSE A 71 13.28 32.25 -11.06
N ALA A 72 14.73 30.00 -5.63
CA ALA A 72 14.22 28.86 -4.86
C ALA A 72 13.23 29.36 -3.77
N LEU A 73 13.56 30.45 -3.09
CA LEU A 73 12.72 30.98 -2.02
C LEU A 73 11.43 31.60 -2.54
N ARG A 74 11.47 32.25 -3.70
CA ARG A 74 10.22 32.75 -4.32
C ARG A 74 9.28 31.60 -4.65
N ARG A 75 9.85 30.53 -5.16
CA ARG A 75 9.06 29.33 -5.44
C ARG A 75 8.52 28.69 -4.15
N PHE A 76 9.39 28.52 -3.15
CA PHE A 76 9.00 27.91 -1.89
C PHE A 76 7.92 28.71 -1.18
N HIS A 77 7.93 30.03 -1.35
CA HIS A 77 6.90 30.91 -0.79
C HIS A 77 5.51 30.52 -1.29
N VAL A 78 5.32 30.53 -2.61
CA VAL A 78 4.04 30.15 -3.21
C VAL A 78 3.66 28.68 -2.97
N LEU A 79 4.64 27.80 -2.84
CA LEU A 79 4.35 26.40 -2.52
C LEU A 79 3.85 26.19 -1.08
N SER A 80 4.39 26.99 -0.14
CA SER A 80 4.00 26.89 1.26
C SER A 80 2.55 27.33 1.42
N GLU A 81 2.12 28.28 0.59
CA GLU A 81 0.78 28.84 0.65
C GLU A 81 -0.21 27.92 -0.04
N GLN A 82 0.19 27.45 -1.21
CA GLN A 82 -0.58 26.45 -1.96
C GLN A 82 -0.82 25.18 -1.09
N ALA A 83 0.18 24.78 -0.33
CA ALA A 83 0.03 23.67 0.65
C ALA A 83 -0.79 24.04 1.88
N GLN A 84 -1.26 25.29 1.94
CA GLN A 84 -2.07 25.83 3.04
C GLN A 84 -1.42 25.69 4.43
N ALA A 85 -0.12 25.96 4.52
CA ALA A 85 0.57 25.92 5.80
C ALA A 85 0.13 27.15 6.58
N GLN A 86 0.03 26.97 7.90
CA GLN A 86 -0.42 28.03 8.82
CA GLN A 86 -0.40 28.05 8.78
C GLN A 86 0.75 28.69 9.55
N LYS A 87 1.93 28.09 9.49
CA LYS A 87 3.14 28.67 10.09
C LYS A 87 4.37 28.31 9.27
N LEU A 88 5.34 29.23 9.23
CA LEU A 88 6.60 29.07 8.51
C LEU A 88 7.75 29.35 9.46
N TYR A 89 8.78 28.52 9.42
CA TYR A 89 10.05 28.75 10.10
C TYR A 89 11.15 28.74 9.04
N VAL A 90 12.07 29.69 9.12
CA VAL A 90 13.22 29.74 8.21
C VAL A 90 14.53 29.74 9.01
N LEU A 91 15.37 28.74 8.75
CA LEU A 91 16.64 28.58 9.44
C LEU A 91 17.77 28.76 8.45
N ALA A 92 18.80 29.51 8.85
CA ALA A 92 19.98 29.69 8.01
C ALA A 92 21.24 29.33 8.79
N THR A 93 22.28 29.01 8.02
CA THR A 93 23.59 28.68 8.53
C THR A 93 24.25 29.97 9.04
N ALA A 94 25.17 29.83 10.01
CA ALA A 94 25.96 30.97 10.55
C ALA A 94 26.66 31.82 9.48
N ALA A 95 27.18 31.15 8.45
CA ALA A 95 27.81 31.80 7.29
C ALA A 95 26.90 32.78 6.51
N ALA A 96 25.59 32.60 6.62
CA ALA A 96 24.63 33.44 5.91
C ALA A 96 24.80 34.90 6.26
N ARG A 97 25.13 35.19 7.52
CA ARG A 97 25.30 36.56 7.99
C ARG A 97 26.75 37.03 8.00
N GLU A 98 27.67 36.12 8.32
CA GLU A 98 29.10 36.42 8.33
C GLU A 98 29.63 36.83 6.94
N ALA A 99 28.97 36.38 5.87
CA ALA A 99 29.33 36.81 4.53
C ALA A 99 29.15 38.33 4.32
N GLU A 100 30.18 38.94 3.73
CA GLU A 100 30.18 40.31 3.24
C GLU A 100 28.82 40.71 2.68
N ASN A 101 28.31 39.91 1.75
CA ASN A 101 27.00 40.16 1.09
C ASN A 101 25.80 39.45 1.74
N GLY A 102 25.98 38.96 2.97
CA GLY A 102 24.96 38.23 3.69
C GLY A 102 23.79 39.06 4.20
N PRO A 103 24.06 40.16 4.92
CA PRO A 103 22.98 41.01 5.40
C PRO A 103 21.97 41.44 4.33
N ASP A 104 22.44 41.79 3.13
CA ASP A 104 21.55 42.14 2.02
C ASP A 104 20.77 40.92 1.53
N PHE A 105 21.44 39.78 1.41
CA PHE A 105 20.77 38.54 1.06
C PHE A 105 19.66 38.18 2.07
N ILE A 106 19.96 38.26 3.37
CA ILE A 106 18.98 37.94 4.42
C ILE A 106 17.78 38.85 4.29
N ARG A 107 18.04 40.13 4.01
CA ARG A 107 16.98 41.11 3.87
C ARG A 107 16.07 40.84 2.67
N GLU A 108 16.68 40.43 1.55
CA GLU A 108 15.95 40.11 0.33
C GLU A 108 15.11 38.88 0.57
N ALA A 109 15.73 37.86 1.18
CA ALA A 109 15.07 36.59 1.50
C ALA A 109 13.93 36.78 2.48
N GLU A 110 14.08 37.62 3.49
CA GLU A 110 13.00 37.91 4.43
C GLU A 110 11.81 38.61 3.76
N ALA A 111 12.10 39.49 2.81
CA ALA A 111 11.09 40.16 1.99
C ALA A 111 10.28 39.17 1.18
N ILE A 112 11.00 38.33 0.43
CA ILE A 112 10.40 37.29 -0.42
C ILE A 112 9.49 36.37 0.37
N LEU A 113 9.96 35.97 1.54
CA LEU A 113 9.24 35.01 2.39
C LEU A 113 8.22 35.68 3.31
N GLY A 114 8.41 36.97 3.61
CA GLY A 114 7.51 37.70 4.52
C GLY A 114 7.65 37.20 5.95
N CYS A 115 8.88 36.91 6.33
CA CYS A 115 9.15 36.12 7.52
C CYS A 115 10.63 36.21 7.93
N GLU A 116 10.89 36.29 9.24
CA GLU A 116 12.27 36.36 9.75
C GLU A 116 13.01 35.04 9.55
N ILE A 117 14.33 35.14 9.43
CA ILE A 117 15.20 33.98 9.25
C ILE A 117 16.00 33.82 10.54
N GLU A 118 15.91 32.67 11.21
CA GLU A 118 16.79 32.43 12.35
C GLU A 118 18.18 32.01 11.83
N VAL A 119 19.16 32.90 11.95
CA VAL A 119 20.53 32.60 11.57
C VAL A 119 21.21 31.92 12.77
N LEU A 120 21.47 30.62 12.64
CA LEU A 120 21.96 29.82 13.76
C LEU A 120 23.48 29.76 13.87
N SER A 121 23.99 29.99 15.07
CA SER A 121 25.40 29.77 15.36
C SER A 121 25.76 28.29 15.26
N GLY A 122 27.05 28.02 15.16
CA GLY A 122 27.57 26.66 15.12
C GLY A 122 27.19 25.87 16.37
N GLU A 123 27.06 26.57 17.50
CA GLU A 123 26.66 25.93 18.75
C GLU A 123 25.17 25.57 18.77
N LYS A 124 24.29 26.43 18.24
CA LYS A 124 22.86 26.09 18.12
C LYS A 124 22.63 24.93 17.14
N GLU A 125 23.35 24.94 16.03
CA GLU A 125 23.29 23.79 15.12
C GLU A 125 23.68 22.47 15.78
N ALA A 126 24.78 22.49 16.54
CA ALA A 126 25.23 21.32 17.30
C ALA A 126 24.10 20.78 18.18
N LEU A 127 23.45 21.68 18.91
CA LEU A 127 22.36 21.32 19.84
C LEU A 127 21.12 20.80 19.09
N TYR A 128 20.70 21.52 18.03
CA TYR A 128 19.55 21.08 17.23
C TYR A 128 19.79 19.78 16.43
N SER A 129 21.03 19.53 16.01
CA SER A 129 21.42 18.25 15.44
C SER A 129 21.23 17.11 16.44
N ALA A 130 21.58 17.39 17.70
CA ALA A 130 21.39 16.43 18.78
C ALA A 130 19.92 16.13 18.94
N TYR A 131 19.10 17.17 18.96
CA TYR A 131 17.66 16.96 19.11
C TYR A 131 17.06 16.25 17.89
N GLY A 132 17.68 16.40 16.72
CA GLY A 132 17.25 15.67 15.54
C GLY A 132 17.53 14.19 15.69
N VAL A 133 18.70 13.85 16.24
CA VAL A 133 19.07 12.46 16.54
C VAL A 133 18.23 11.94 17.71
N ILE A 134 18.19 12.69 18.80
CA ILE A 134 17.35 12.32 19.95
C ILE A 134 15.92 12.00 19.48
N SER A 135 15.37 12.83 18.60
CA SER A 135 13.99 12.65 18.13
C SER A 135 13.75 11.46 17.17
N GLY A 136 14.80 10.88 16.60
CA GLY A 136 14.65 9.86 15.56
C GLY A 136 15.17 8.49 15.93
N PHE A 137 15.62 8.36 17.18
CA PHE A 137 16.23 7.13 17.69
C PHE A 137 15.62 6.83 19.06
N TYR A 138 15.52 5.54 19.36
CA TYR A 138 15.03 5.10 20.67
C TYR A 138 16.22 5.02 21.61
N GLN A 139 16.24 5.88 22.63
CA GLN A 139 17.33 5.92 23.59
C GLN A 139 18.74 5.91 22.95
N PRO A 140 19.06 6.96 22.16
CA PRO A 140 20.39 7.03 21.57
C PRO A 140 21.48 7.18 22.63
N ASP A 141 22.70 6.71 22.31
CA ASP A 141 23.83 6.76 23.23
C ASP A 141 25.12 6.75 22.41
N GLY A 142 25.76 7.92 22.31
CA GLY A 142 27.03 8.07 21.61
C GLY A 142 27.36 9.53 21.36
N ILE A 143 27.95 9.83 20.20
CA ILE A 143 28.22 11.21 19.74
C ILE A 143 27.54 11.45 18.38
N ALA A 144 26.81 12.56 18.25
CA ALA A 144 26.23 13.00 16.98
C ALA A 144 27.18 13.97 16.25
N GLY A 145 27.40 13.73 14.97
CA GLY A 145 28.17 14.63 14.11
C GLY A 145 27.37 15.08 12.91
N ASP A 146 27.26 16.40 12.72
CA ASP A 146 26.59 17.00 11.54
C ASP A 146 27.60 17.76 10.65
N LEU A 147 27.81 17.25 9.43
CA LEU A 147 28.73 17.86 8.45
C LEU A 147 27.94 18.68 7.41
N GLY A 148 28.02 20.01 7.56
CA GLY A 148 27.51 20.93 6.56
C GLY A 148 28.60 21.22 5.54
N GLY A 149 28.35 22.16 4.63
CA GLY A 149 29.35 22.56 3.65
C GLY A 149 30.46 23.39 4.27
N GLY A 150 30.10 24.14 5.32
CA GLY A 150 31.05 25.04 5.97
C GLY A 150 31.63 24.47 7.24
N SER A 151 30.83 23.80 8.06
CA SER A 151 31.32 23.34 9.37
C SER A 151 30.78 21.99 9.81
N LEU A 152 31.49 21.42 10.80
CA LEU A 152 31.18 20.14 11.40
C LEU A 152 30.80 20.42 12.85
N GLU A 153 29.72 19.80 13.33
CA GLU A 153 29.35 19.86 14.73
C GLU A 153 29.50 18.47 15.34
N LEU A 154 29.83 18.44 16.63
CA LEU A 154 29.98 17.21 17.40
C LEU A 154 29.32 17.42 18.76
N ILE A 155 28.51 16.44 19.19
CA ILE A 155 27.79 16.59 20.45
C ILE A 155 27.45 15.22 21.03
N ASP A 156 27.72 15.06 22.32
CA ASP A 156 27.48 13.81 23.03
C ASP A 156 25.99 13.66 23.32
N ILE A 157 25.47 12.45 23.09
CA ILE A 157 24.05 12.11 23.30
C ILE A 157 23.96 10.95 24.30
N LYS A 158 23.14 11.11 25.34
CA LYS A 158 22.84 10.02 26.29
C LYS A 158 21.34 10.00 26.60
N ASP A 159 20.62 9.17 25.83
CA ASP A 159 19.15 9.02 25.86
C ASP A 159 18.44 10.28 25.32
N LYS A 160 17.76 11.05 26.17
CA LYS A 160 17.12 12.32 25.79
C LYS A 160 18.00 13.49 26.19
N SER A 161 19.11 13.21 26.88
CA SER A 161 20.00 14.25 27.38
C SER A 161 21.10 14.49 26.33
N CYS A 162 21.87 15.57 26.47
CA CYS A 162 22.96 15.84 25.52
C CYS A 162 24.02 16.80 26.05
N GLY A 163 25.25 16.64 25.56
CA GLY A 163 26.40 17.35 26.10
C GLY A 163 26.62 18.71 25.49
N GLU A 164 27.85 19.20 25.62
CA GLU A 164 28.23 20.46 24.99
C GLU A 164 28.40 20.27 23.47
N GLY A 165 27.78 21.18 22.73
CA GLY A 165 27.85 21.19 21.28
C GLY A 165 29.00 22.05 20.81
N ILE A 166 29.89 21.47 20.00
CA ILE A 166 31.08 22.17 19.49
C ILE A 166 31.00 22.31 17.97
N THR A 167 31.82 23.19 17.41
CA THR A 167 31.87 23.37 15.96
C THR A 167 33.32 23.36 15.46
N LEU A 168 33.56 22.64 14.37
CA LEU A 168 34.85 22.64 13.69
C LEU A 168 34.66 23.22 12.29
N PRO A 169 35.61 24.05 11.81
CA PRO A 169 35.57 24.49 10.41
C PRO A 169 36.04 23.36 9.48
N LEU A 170 35.23 22.30 9.41
CA LEU A 170 35.54 21.09 8.62
C LEU A 170 34.36 20.70 7.74
N GLY A 171 33.59 21.68 7.26
CA GLY A 171 32.59 21.41 6.25
C GLY A 171 33.25 20.82 5.02
N GLY A 172 32.48 20.08 4.24
CA GLY A 172 32.99 19.37 3.07
C GLY A 172 33.45 20.29 1.94
N LEU A 173 32.64 21.29 1.64
CA LEU A 173 32.99 22.32 0.66
C LEU A 173 34.18 23.16 1.16
N ARG A 174 34.10 23.65 2.40
CA ARG A 174 35.20 24.39 3.02
C ARG A 174 36.53 23.64 3.02
N LEU A 175 36.52 22.38 3.45
CA LEU A 175 37.73 21.56 3.51
C LEU A 175 38.31 21.30 2.11
N SER A 176 37.45 21.13 1.12
CA SER A 176 37.88 20.92 -0.26
C SER A 176 38.59 22.14 -0.85
N GLU A 177 38.22 23.34 -0.38
CA GLU A 177 38.79 24.60 -0.87
C GLU A 177 40.05 25.02 -0.12
N GLN A 178 40.00 24.94 1.20
CA GLN A 178 41.18 25.24 2.02
C GLN A 178 42.36 24.29 1.76
N SER A 179 42.04 23.05 1.41
CA SER A 179 43.05 22.06 1.02
C SER A 179 43.51 22.25 -0.42
N ASP A 180 42.78 23.06 -1.19
CA ASP A 180 43.05 23.28 -2.63
C ASP A 180 42.88 22.00 -3.45
N GLY A 181 41.94 21.16 -3.00
CA GLY A 181 41.63 19.89 -3.66
C GLY A 181 42.56 18.74 -3.33
N SER A 182 43.54 18.98 -2.46
CA SER A 182 44.52 17.96 -2.07
C SER A 182 44.02 17.12 -0.89
N LEU A 183 43.95 15.81 -1.10
CA LEU A 183 43.39 14.88 -0.11
C LEU A 183 44.30 14.63 1.08
N GLU A 184 45.61 14.63 0.82
CA GLU A 184 46.62 14.55 1.87
C GLU A 184 46.59 15.81 2.74
N LYS A 185 46.48 16.98 2.11
CA LYS A 185 46.41 18.24 2.86
C LYS A 185 45.12 18.31 3.67
N ALA A 186 44.02 17.86 3.08
CA ALA A 186 42.72 17.81 3.76
C ALA A 186 42.75 16.92 5.01
N ALA A 187 43.44 15.79 4.89
CA ALA A 187 43.69 14.89 6.04
C ALA A 187 44.47 15.59 7.15
N THR A 188 45.34 16.53 6.80
CA THR A 188 46.12 17.31 7.77
C THR A 188 45.26 18.36 8.47
N ILE A 189 44.42 19.04 7.70
CA ILE A 189 43.54 20.08 8.23
C ILE A 189 42.52 19.45 9.17
N ALA A 190 42.00 18.28 8.79
CA ALA A 190 40.99 17.58 9.58
C ALA A 190 41.58 16.95 10.85
N ARG A 191 42.75 16.33 10.75
CA ARG A 191 43.42 15.72 11.91
C ARG A 191 43.80 16.75 12.97
N LYS A 192 44.21 17.93 12.52
CA LYS A 192 44.56 19.03 13.42
C LYS A 192 43.35 19.51 14.22
N HIS A 193 42.21 19.70 13.55
CA HIS A 193 41.02 20.24 14.19
C HIS A 193 40.34 19.23 15.12
N VAL A 194 40.29 17.98 14.69
CA VAL A 194 39.73 16.88 15.50
C VAL A 194 40.66 16.54 16.69
N LYS A 195 41.98 16.63 16.50
CA LYS A 195 42.99 16.35 17.58
C LYS A 195 42.81 17.24 18.82
N SER A 196 42.29 18.45 18.62
CA SER A 196 42.02 19.38 19.71
C SER A 196 40.67 19.13 20.42
N PHE A 197 39.96 18.07 20.02
CA PHE A 197 38.76 17.59 20.73
C PHE A 197 38.87 16.07 20.96
N ALA A 198 40.11 15.58 21.08
CA ALA A 198 40.41 14.18 21.31
C ALA A 198 39.75 13.61 22.56
N LYS A 199 39.55 14.46 23.59
CA LYS A 199 39.00 14.04 24.87
C LYS A 199 37.48 13.80 24.79
N LEU A 200 36.75 14.75 24.21
CA LEU A 200 35.30 14.62 23.92
C LEU A 200 34.97 13.42 23.05
N LEU A 201 35.83 13.17 22.07
CA LEU A 201 35.68 12.07 21.14
C LEU A 201 36.07 10.71 21.74
N ALA A 202 37.15 10.67 22.51
CA ALA A 202 37.58 9.46 23.22
C ALA A 202 36.51 8.93 24.15
N ALA A 203 35.66 9.84 24.67
CA ALA A 203 34.46 9.47 25.44
C ALA A 203 33.39 8.69 24.64
N GLY A 204 33.40 8.81 23.31
CA GLY A 204 32.50 8.02 22.45
C GLY A 204 32.93 6.59 22.13
N GLU A 205 34.06 6.14 22.66
CA GLU A 205 34.58 4.82 22.33
C GLU A 205 33.64 3.70 22.73
N GLY A 206 33.43 2.76 21.82
CA GLY A 206 32.52 1.66 22.07
C GLY A 206 31.04 2.01 21.99
N ARG A 207 30.72 3.27 21.72
CA ARG A 207 29.33 3.70 21.64
C ARG A 207 28.95 3.89 20.16
N THR A 208 27.89 4.64 19.87
CA THR A 208 27.42 4.83 18.47
C THR A 208 27.76 6.26 17.96
N PHE A 209 28.29 6.37 16.74
CA PHE A 209 28.39 7.68 16.07
C PHE A 209 27.15 7.93 15.18
N TYR A 210 26.40 8.97 15.48
CA TYR A 210 25.22 9.31 14.70
C TYR A 210 25.57 10.34 13.63
N ALA A 211 25.59 9.89 12.36
CA ALA A 211 26.08 10.69 11.23
C ALA A 211 24.94 11.49 10.62
N VAL A 212 25.01 12.82 10.71
CA VAL A 212 23.99 13.72 10.16
C VAL A 212 24.58 14.57 9.02
N GLY A 213 23.74 15.00 8.08
CA GLY A 213 24.15 15.93 7.01
C GLY A 213 24.15 15.35 5.60
N GLY A 214 24.08 16.25 4.63
CA GLY A 214 23.97 15.90 3.21
C GLY A 214 25.05 14.98 2.65
N THR A 215 26.32 15.37 2.79
CA THR A 215 27.44 14.63 2.20
C THR A 215 27.60 13.26 2.87
N TRP A 216 27.44 13.22 4.19
CA TRP A 216 27.51 11.94 4.90
C TRP A 216 26.34 11.02 4.54
N ARG A 217 25.17 11.59 4.29
CA ARG A 217 24.02 10.83 3.75
C ARG A 217 24.30 10.23 2.36
N ASN A 218 24.92 11.01 1.48
CA ASN A 218 25.36 10.52 0.18
C ASN A 218 26.43 9.43 0.27
N ILE A 219 27.22 9.43 1.34
CA ILE A 219 28.22 8.37 1.54
C ILE A 219 27.48 7.07 1.89
N ALA A 220 26.40 7.19 2.66
CA ALA A 220 25.59 6.05 3.05
C ALA A 220 24.86 5.45 1.85
N LYS A 221 24.23 6.30 1.04
CA LYS A 221 23.50 5.88 -0.19
C LYS A 221 24.42 5.15 -1.14
N LEU A 222 25.62 5.68 -1.35
CA LEU A 222 26.61 5.04 -2.23
C LEU A 222 26.98 3.66 -1.69
N HIS A 223 27.19 3.56 -0.38
CA HIS A 223 27.50 2.27 0.22
C HIS A 223 26.37 1.26 0.03
N MSE A 224 25.13 1.69 0.23
CA MSE A 224 23.96 0.86 -0.02
C MSE A 224 23.88 0.44 -1.48
O MSE A 224 23.61 -0.73 -1.78
CB MSE A 224 22.66 1.62 0.33
CG MSE A 224 22.39 1.84 1.80
SE MSE A 224 20.81 2.95 2.00
CE MSE A 224 20.23 2.33 3.74
N GLU A 225 24.08 1.42 -2.38
CA GLU A 225 24.05 1.21 -3.83
C GLU A 225 25.11 0.18 -4.24
N ILE A 226 26.36 0.40 -3.84
CA ILE A 226 27.45 -0.51 -4.22
C ILE A 226 27.35 -1.88 -3.51
N SER A 227 26.84 -1.91 -2.27
CA SER A 227 26.76 -3.15 -1.48
C SER A 227 25.53 -3.99 -1.82
N GLY A 228 24.59 -3.40 -2.53
CA GLY A 228 23.36 -4.10 -2.92
C GLY A 228 22.36 -4.19 -1.79
N TYR A 229 22.50 -3.33 -0.78
CA TYR A 229 21.67 -3.38 0.42
C TYR A 229 20.17 -3.28 0.03
N PRO A 230 19.33 -4.25 0.48
CA PRO A 230 17.96 -4.35 -0.01
C PRO A 230 16.97 -3.27 0.50
N LEU A 231 17.21 -2.66 1.66
CA LEU A 231 16.27 -1.64 2.16
C LEU A 231 16.88 -0.25 2.05
N HIS A 232 16.53 0.46 0.98
CA HIS A 232 17.08 1.82 0.71
C HIS A 232 16.34 2.86 1.56
N MSE A 233 16.64 2.78 2.86
CA MSE A 233 15.98 3.48 3.94
C MSE A 233 17.11 4.04 4.82
O MSE A 233 17.81 3.30 5.52
CB MSE A 233 15.11 2.46 4.69
CG MSE A 233 14.08 3.02 5.65
SE MSE A 233 12.52 3.63 4.69
CE MSE A 233 12.27 5.28 5.68
N MSE A 234 17.30 5.36 4.77
CA MSE A 234 18.43 6.03 5.41
C MSE A 234 18.32 5.96 6.94
O MSE A 234 19.21 5.41 7.60
CB MSE A 234 18.52 7.50 4.94
CG MSE A 234 19.73 8.33 5.47
SE MSE A 234 21.49 7.55 5.04
CE MSE A 234 21.21 7.19 3.09
N GLN A 235 17.23 6.50 7.48
CA GLN A 235 17.05 6.54 8.94
C GLN A 235 17.27 5.14 9.55
N GLY A 236 18.09 5.09 10.60
CA GLY A 236 18.41 3.83 11.30
C GLY A 236 19.35 2.85 10.61
N TYR A 237 19.93 3.26 9.48
CA TYR A 237 20.94 2.48 8.78
C TYR A 237 22.22 2.56 9.58
N GLU A 238 22.87 1.43 9.76
CA GLU A 238 23.91 1.27 10.75
C GLU A 238 25.02 0.40 10.18
N LEU A 239 26.27 0.82 10.34
CA LEU A 239 27.44 0.03 9.91
C LEU A 239 28.41 -0.11 11.09
N PRO A 240 29.08 -1.28 11.22
CA PRO A 240 30.16 -1.40 12.20
C PRO A 240 31.39 -0.60 11.77
N LEU A 241 32.20 -0.23 12.76
CA LEU A 241 33.39 0.59 12.56
C LEU A 241 34.27 0.09 11.41
N GLU A 242 34.71 -1.17 11.48
CA GLU A 242 35.69 -1.68 10.50
C GLU A 242 35.17 -1.67 9.06
N GLU A 243 33.87 -1.92 8.86
CA GLU A 243 33.27 -1.79 7.53
C GLU A 243 33.21 -0.33 7.08
N MSE A 244 32.74 0.56 7.96
CA MSE A 244 32.68 1.99 7.65
C MSE A 244 34.06 2.57 7.27
O MSE A 244 34.18 3.26 6.25
CB MSE A 244 32.08 2.75 8.83
CG MSE A 244 31.92 4.24 8.62
SE MSE A 244 30.35 4.72 7.57
CE MSE A 244 31.13 4.68 5.81
N LEU A 245 35.09 2.31 8.08
CA LEU A 245 36.45 2.78 7.78
C LEU A 245 36.97 2.21 6.45
N ASN A 246 36.66 0.95 6.14
CA ASN A 246 37.06 0.37 4.86
C ASN A 246 36.44 1.13 3.69
N PHE A 247 35.13 1.36 3.76
CA PHE A 247 34.40 2.07 2.70
C PHE A 247 34.87 3.52 2.53
N LEU A 248 35.03 4.24 3.66
CA LEU A 248 35.58 5.60 3.64
C LEU A 248 36.95 5.67 2.93
N GLU A 249 37.75 4.63 3.06
CA GLU A 249 39.06 4.56 2.40
C GLU A 249 38.94 4.43 0.88
N GLU A 250 37.95 3.65 0.42
CA GLU A 250 37.68 3.48 -1.00
C GLU A 250 37.14 4.78 -1.62
N VAL A 251 36.29 5.48 -0.86
CA VAL A 251 35.76 6.81 -1.24
C VAL A 251 36.89 7.83 -1.45
N ILE A 252 37.87 7.81 -0.55
CA ILE A 252 39.01 8.71 -0.58
C ILE A 252 39.88 8.49 -1.84
N VAL A 253 40.17 7.22 -2.15
CA VAL A 253 41.03 6.85 -3.27
C VAL A 253 40.22 6.58 -4.57
N SER A 254 39.01 7.14 -4.67
CA SER A 254 38.07 6.81 -5.75
C SER A 254 38.41 7.34 -7.16
N ARG A 255 39.31 8.32 -7.28
CA ARG A 255 39.67 8.85 -8.60
C ARG A 255 40.47 7.79 -9.39
N ASP A 256 41.67 7.45 -8.92
CA ASP A 256 42.52 6.43 -9.54
C ASP A 256 42.17 5.04 -9.00
N ALA A 261 33.91 -1.22 -11.13
CA ALA A 261 32.64 -0.62 -10.74
C ALA A 261 32.90 0.87 -10.48
N TRP A 262 32.12 1.49 -9.58
CA TRP A 262 32.45 2.80 -8.94
C TRP A 262 32.51 4.05 -9.84
N GLN A 263 32.29 3.89 -11.14
CA GLN A 263 32.63 4.95 -12.13
C GLN A 263 31.82 6.27 -11.99
N ALA A 264 30.73 6.23 -11.20
CA ALA A 264 29.91 7.42 -10.90
C ALA A 264 30.73 8.56 -10.27
N VAL A 265 31.24 8.32 -9.07
CA VAL A 265 31.97 9.35 -8.31
C VAL A 265 33.41 9.57 -8.79
N SER A 266 34.02 8.54 -9.39
CA SER A 266 35.39 8.65 -9.91
C SER A 266 35.53 9.72 -11.01
N LYS A 267 34.46 9.88 -11.81
CA LYS A 267 34.46 10.82 -12.93
C LYS A 267 34.04 12.23 -12.50
N ASN A 268 33.14 12.35 -11.51
CA ASN A 268 32.74 13.66 -10.99
C ASN A 268 33.85 14.26 -10.13
N ARG A 269 34.66 15.11 -10.75
CA ARG A 269 35.84 15.67 -10.13
C ARG A 269 35.49 16.80 -9.13
N ARG A 270 34.30 17.39 -9.28
CA ARG A 270 33.84 18.45 -8.38
C ARG A 270 33.08 17.91 -7.13
N SER A 271 33.16 16.60 -6.88
CA SER A 271 32.46 15.95 -5.74
C SER A 271 33.07 16.30 -4.38
N LEU A 272 32.17 16.36 -3.39
CA LEU A 272 32.53 16.66 -2.00
C LEU A 272 32.69 15.39 -1.15
N LEU A 273 32.31 14.25 -1.72
CA LEU A 273 32.34 12.97 -1.01
C LEU A 273 33.74 12.56 -0.47
N PRO A 274 34.81 12.63 -1.30
CA PRO A 274 36.14 12.32 -0.74
C PRO A 274 36.55 13.15 0.49
N PHE A 275 36.17 14.43 0.51
CA PHE A 275 36.47 15.32 1.65
C PHE A 275 35.58 15.07 2.89
N GLY A 276 34.34 14.69 2.66
CA GLY A 276 33.45 14.26 3.73
C GLY A 276 33.93 12.95 4.32
N ALA A 277 34.47 12.08 3.47
CA ALA A 277 35.06 10.82 3.90
C ALA A 277 36.34 11.04 4.73
N ILE A 278 37.10 12.10 4.41
CA ILE A 278 38.30 12.46 5.20
C ILE A 278 37.90 12.96 6.59
N ALA A 279 36.96 13.93 6.63
CA ALA A 279 36.41 14.46 7.89
C ALA A 279 35.81 13.36 8.79
N MSE A 280 35.11 12.39 8.20
CA MSE A 280 34.52 11.32 9.02
C MSE A 280 35.58 10.34 9.54
O MSE A 280 35.50 9.86 10.67
CB MSE A 280 33.41 10.54 8.29
CG MSE A 280 32.45 9.84 9.30
SE MSE A 280 31.41 8.35 8.66
CE MSE A 280 30.19 9.25 7.52
N ARG A 281 36.58 10.06 8.70
CA ARG A 281 37.66 9.16 9.11
C ARG A 281 38.37 9.69 10.34
N GLU A 282 38.72 10.96 10.31
CA GLU A 282 39.45 11.58 11.42
C GLU A 282 38.61 11.63 12.72
N VAL A 283 37.30 11.82 12.60
CA VAL A 283 36.41 11.74 13.78
C VAL A 283 36.37 10.29 14.36
N LEU A 284 36.25 9.31 13.47
CA LEU A 284 36.18 7.90 13.83
C LEU A 284 37.47 7.32 14.40
N ARG A 285 38.62 7.80 13.91
CA ARG A 285 39.91 7.42 14.50
C ARG A 285 40.13 7.97 15.94
N ALA A 286 39.67 9.20 16.17
CA ALA A 286 39.73 9.81 17.50
C ALA A 286 38.65 9.24 18.43
N MSE A 287 37.60 8.61 17.88
CA MSE A 287 36.44 8.18 18.70
C MSE A 287 36.33 6.67 18.95
O MSE A 287 35.97 6.26 20.04
CB MSE A 287 35.15 8.68 18.05
CG MSE A 287 33.90 8.47 18.92
SE MSE A 287 32.28 8.71 17.94
CE MSE A 287 31.03 7.92 19.26
N LYS A 288 36.58 5.87 17.90
CA LYS A 288 36.50 4.39 17.95
C LYS A 288 35.17 3.90 18.50
N PRO A 289 34.06 4.30 17.85
CA PRO A 289 32.75 3.79 18.22
C PRO A 289 32.57 2.35 17.77
N ALA A 290 31.62 1.64 18.37
CA ALA A 290 31.28 0.30 17.92
C ALA A 290 30.66 0.36 16.52
N LYS A 291 29.80 1.35 16.30
CA LYS A 291 29.05 1.47 15.04
C LYS A 291 28.69 2.93 14.70
N ILE A 292 28.34 3.12 13.41
CA ILE A 292 27.86 4.39 12.87
C ILE A 292 26.43 4.21 12.40
N ALA A 293 25.50 5.00 12.95
CA ALA A 293 24.10 4.97 12.53
C ALA A 293 23.80 6.28 11.86
N PHE A 294 23.09 6.21 10.73
CA PHE A 294 22.82 7.40 9.94
C PHE A 294 21.45 7.94 10.30
N SER A 295 21.35 9.26 10.21
CA SER A 295 20.13 9.98 10.52
C SER A 295 19.75 10.86 9.33
N ALA A 296 18.54 10.69 8.82
CA ALA A 296 17.93 11.63 7.86
C ALA A 296 17.38 12.87 8.58
N GLN A 297 17.22 12.75 9.89
CA GLN A 297 16.83 13.89 10.71
C GLN A 297 18.07 14.71 11.11
N GLY A 298 17.92 16.03 11.19
CA GLY A 298 19.03 16.89 11.54
C GLY A 298 18.56 18.13 12.27
N VAL A 299 19.10 19.29 11.86
CA VAL A 299 18.89 20.55 12.56
C VAL A 299 17.42 20.96 12.57
N ARG A 300 16.76 20.85 11.42
CA ARG A 300 15.39 21.35 11.30
C ARG A 300 14.36 20.47 12.03
N GLU A 301 14.58 19.17 12.05
CA GLU A 301 13.75 18.29 12.84
C GLU A 301 13.98 18.51 14.34
N GLY A 302 15.25 18.56 14.74
CA GLY A 302 15.62 18.85 16.14
C GLY A 302 15.10 20.20 16.64
N TYR A 303 14.98 21.15 15.71
CA TYR A 303 14.42 22.47 15.97
C TYR A 303 12.90 22.39 16.26
N LEU A 304 12.15 21.76 15.36
CA LEU A 304 10.72 21.54 15.60
C LEU A 304 10.50 20.74 16.87
N TYR A 305 11.28 19.67 17.06
CA TYR A 305 11.23 18.87 18.31
C TYR A 305 11.29 19.74 19.60
N SER A 306 12.05 20.83 19.54
CA SER A 306 12.18 21.77 20.65
C SER A 306 10.92 22.63 20.88
N LEU A 307 10.06 22.71 19.85
CA LEU A 307 8.78 23.46 19.94
C LEU A 307 7.60 22.59 20.33
N LEU A 308 7.80 21.27 20.39
CA LEU A 308 6.78 20.35 20.90
C LEU A 308 6.53 20.56 22.41
N THR A 309 5.48 19.95 22.94
CA THR A 309 5.25 19.96 24.38
C THR A 309 6.15 18.89 24.99
N GLU A 310 6.35 18.94 26.31
CA GLU A 310 7.22 17.95 26.95
C GLU A 310 6.63 16.55 26.85
N ALA A 311 5.29 16.47 26.90
CA ALA A 311 4.53 15.23 26.73
C ALA A 311 4.74 14.63 25.33
N GLU A 312 4.67 15.48 24.31
CA GLU A 312 4.92 15.07 22.92
C GLU A 312 6.34 14.56 22.72
N ARG A 313 7.32 15.23 23.34
CA ARG A 313 8.72 14.82 23.21
C ARG A 313 9.02 13.45 23.82
N GLU A 314 8.41 13.18 24.98
CA GLU A 314 8.59 11.91 25.65
C GLU A 314 7.73 10.80 25.03
N SER A 315 6.76 11.16 24.19
CA SER A 315 5.94 10.15 23.51
C SER A 315 6.78 9.42 22.51
N ASP A 316 6.52 8.12 22.33
CA ASP A 316 7.31 7.25 21.46
C ASP A 316 6.86 7.48 20.03
N PRO A 317 7.77 7.89 19.14
CA PRO A 317 7.32 8.30 17.80
C PRO A 317 6.96 7.13 16.89
N LEU A 318 7.55 5.97 17.16
CA LEU A 318 7.21 4.75 16.42
C LEU A 318 5.77 4.38 16.75
N LEU A 319 5.44 4.39 18.04
CA LEU A 319 4.10 4.05 18.50
C LEU A 319 3.09 5.13 18.16
N VAL A 320 3.50 6.40 18.17
CA VAL A 320 2.61 7.48 17.79
C VAL A 320 2.24 7.35 16.32
N ALA A 321 3.22 6.98 15.48
CA ALA A 321 2.98 6.89 14.03
C ALA A 321 2.14 5.65 13.67
N ALA A 322 2.37 4.53 14.37
CA ALA A 322 1.61 3.29 14.18
C ALA A 322 0.11 3.47 14.56
N ASP A 323 -0.13 4.19 15.65
CA ASP A 323 -1.45 4.53 16.10
C ASP A 323 -2.16 5.49 15.14
N GLU A 324 -1.42 6.45 14.62
CA GLU A 324 -1.94 7.34 13.59
C GLU A 324 -2.37 6.57 12.36
N LEU A 325 -1.59 5.56 11.97
CA LEU A 325 -1.93 4.75 10.80
C LEU A 325 -3.16 3.88 11.07
N ALA A 326 -3.28 3.35 12.30
CA ALA A 326 -4.49 2.67 12.73
C ALA A 326 -5.69 3.61 12.67
N ILE A 327 -5.54 4.83 13.18
CA ILE A 327 -6.63 5.82 13.08
C ILE A 327 -7.01 6.03 11.61
N LEU A 328 -6.00 6.23 10.77
CA LEU A 328 -6.21 6.47 9.34
C LEU A 328 -6.80 5.32 8.53
N ARG A 329 -6.40 4.08 8.81
CA ARG A 329 -6.62 2.94 7.93
C ARG A 329 -7.39 1.73 8.50
N ALA A 330 -7.27 1.47 9.81
CA ALA A 330 -7.80 0.23 10.40
C ALA A 330 -9.34 0.23 10.43
N ARG A 331 -9.93 -0.96 10.50
CA ARG A 331 -11.39 -1.06 10.74
C ARG A 331 -11.80 -0.50 12.08
N SER A 332 -10.96 -0.75 13.10
CA SER A 332 -11.17 -0.22 14.44
C SER A 332 -9.84 0.17 15.09
N PRO A 333 -9.53 1.47 15.15
CA PRO A 333 -8.32 1.82 15.93
C PRO A 333 -8.36 1.38 17.42
N GLU A 334 -9.54 1.40 18.04
CA GLU A 334 -9.73 0.97 19.41
C GLU A 334 -9.36 -0.50 19.58
N HIS A 335 -9.71 -1.32 18.61
CA HIS A 335 -9.35 -2.73 18.64
C HIS A 335 -7.85 -2.96 18.40
N ALA A 336 -7.25 -2.18 17.49
CA ALA A 336 -5.80 -2.26 17.25
C ALA A 336 -5.02 -2.14 18.58
N ARG A 337 -5.50 -1.25 19.45
CA ARG A 337 -4.92 -1.02 20.78
C ARG A 337 -5.26 -2.11 21.78
N GLU A 338 -6.47 -2.66 21.70
CA GLU A 338 -6.80 -3.86 22.50
C GLU A 338 -5.78 -4.96 22.18
N LEU A 339 -5.46 -5.11 20.92
CA LEU A 339 -4.55 -6.15 20.45
C LEU A 339 -3.16 -5.92 21.00
N ALA A 340 -2.73 -4.67 21.04
CA ALA A 340 -1.41 -4.32 21.56
C ALA A 340 -1.32 -4.73 23.04
N ASP A 341 -2.41 -4.49 23.78
CA ASP A 341 -2.49 -4.85 25.20
CA ASP A 341 -2.49 -4.85 25.20
C ASP A 341 -2.60 -6.37 25.39
N TRP A 342 -3.59 -6.97 24.75
CA TRP A 342 -3.90 -8.40 24.90
C TRP A 342 -2.71 -9.32 24.61
N SER A 343 -2.00 -9.06 23.53
CA SER A 343 -0.89 -9.93 23.12
C SER A 343 0.26 -9.90 24.09
N GLY A 344 0.52 -8.74 24.69
CA GLY A 344 1.54 -8.61 25.72
C GLY A 344 1.23 -9.48 26.93
N ARG A 345 -0.05 -9.58 27.28
CA ARG A 345 -0.47 -10.37 28.44
C ARG A 345 -0.59 -11.86 28.11
N THR A 346 -0.42 -12.22 26.85
CA THR A 346 -0.55 -13.59 26.39
C THR A 346 0.81 -14.23 26.18
N PHE A 347 1.76 -13.46 25.67
CA PHE A 347 3.12 -13.95 25.45
C PHE A 347 3.69 -14.73 26.65
N PRO A 348 3.65 -14.15 27.87
CA PRO A 348 4.18 -14.89 29.02
C PRO A 348 3.53 -16.27 29.24
N VAL A 349 2.28 -16.46 28.84
CA VAL A 349 1.63 -17.77 28.99
C VAL A 349 2.33 -18.82 28.09
N PHE A 350 2.79 -18.38 26.93
CA PHE A 350 3.58 -19.20 26.01
C PHE A 350 5.08 -19.25 26.35
N GLY A 351 5.45 -18.65 27.46
CA GLY A 351 6.82 -18.67 27.96
C GLY A 351 7.74 -17.72 27.23
N ILE A 352 7.23 -16.58 26.75
CA ILE A 352 8.09 -15.59 26.11
C ILE A 352 8.35 -14.42 27.06
N ASP A 353 9.61 -14.22 27.40
CA ASP A 353 10.06 -13.11 28.24
C ASP A 353 10.67 -12.14 27.26
N GLU A 354 9.95 -11.07 26.96
CA GLU A 354 10.40 -10.16 25.94
C GLU A 354 11.08 -8.92 26.52
N THR A 355 12.11 -8.47 25.81
CA THR A 355 12.86 -7.26 26.15
C THR A 355 12.00 -6.05 25.87
N GLU A 356 12.39 -4.90 26.40
CA GLU A 356 11.61 -3.67 26.20
C GLU A 356 11.51 -3.30 24.73
N GLU A 357 12.55 -3.62 23.96
CA GLU A 357 12.58 -3.26 22.54
C GLU A 357 11.62 -4.18 21.77
N GLU A 358 11.73 -5.48 22.05
CA GLU A 358 10.84 -6.48 21.48
C GLU A 358 9.36 -6.18 21.73
N SER A 359 9.08 -5.63 22.91
CA SER A 359 7.73 -5.24 23.33
C SER A 359 7.23 -4.02 22.57
N ARG A 360 8.10 -3.03 22.40
CA ARG A 360 7.79 -1.86 21.57
C ARG A 360 7.33 -2.24 20.19
N TYR A 361 8.05 -3.18 19.59
CA TYR A 361 7.83 -3.59 18.23
C TYR A 361 6.57 -4.40 18.10
N ARG A 362 6.35 -5.32 19.04
CA ARG A 362 5.13 -6.10 19.08
C ARG A 362 3.94 -5.15 19.12
N GLN A 363 4.02 -4.15 19.99
CA GLN A 363 2.93 -3.18 20.08
C GLN A 363 2.69 -2.48 18.78
N ALA A 364 3.75 -2.09 18.10
CA ALA A 364 3.64 -1.37 16.82
C ALA A 364 3.03 -2.27 15.75
N ALA A 365 3.47 -3.53 15.74
CA ALA A 365 2.94 -4.54 14.83
C ALA A 365 1.42 -4.71 15.02
N CYS A 366 0.95 -4.78 16.28
CA CYS A 366 -0.49 -4.85 16.53
C CYS A 366 -1.25 -3.64 16.04
N LEU A 367 -0.69 -2.46 16.24
CA LEU A 367 -1.35 -1.22 15.85
C LEU A 367 -1.39 -1.11 14.34
N LEU A 368 -0.49 -1.79 13.66
CA LEU A 368 -0.38 -1.75 12.22
C LEU A 368 -0.99 -2.96 11.51
N ALA A 369 -1.35 -4.02 12.24
CA ALA A 369 -1.87 -5.28 11.70
C ALA A 369 -3.02 -5.14 10.70
N ASP A 370 -3.96 -4.25 10.96
CA ASP A 370 -5.13 -4.04 10.10
C ASP A 370 -5.06 -2.94 9.02
N ILE A 371 -3.89 -2.41 8.68
CA ILE A 371 -3.90 -1.26 7.74
C ILE A 371 -4.14 -1.60 6.25
N SER A 372 -4.06 -2.89 5.90
CA SER A 372 -4.26 -3.30 4.52
C SER A 372 -5.55 -4.13 4.33
N TRP A 373 -6.55 -3.89 5.17
CA TRP A 373 -7.75 -4.72 5.14
C TRP A 373 -8.56 -4.58 3.85
N ARG A 374 -8.43 -3.47 3.15
CA ARG A 374 -9.21 -3.25 1.93
C ARG A 374 -8.59 -3.91 0.72
N ALA A 375 -7.33 -4.31 0.85
CA ALA A 375 -6.62 -4.98 -0.26
C ALA A 375 -7.32 -6.26 -0.61
N HIS A 376 -7.25 -6.62 -1.89
CA HIS A 376 -7.71 -7.91 -2.37
C HIS A 376 -7.16 -9.01 -1.46
N PRO A 377 -7.96 -10.02 -1.10
CA PRO A 377 -7.47 -11.00 -0.08
C PRO A 377 -6.18 -11.76 -0.44
N ASP A 378 -5.92 -11.93 -1.72
CA ASP A 378 -4.69 -12.59 -2.15
C ASP A 378 -3.46 -11.72 -1.89
N TYR A 379 -3.63 -10.39 -1.80
CA TYR A 379 -2.48 -9.48 -1.70
C TYR A 379 -2.39 -8.70 -0.40
N ARG A 380 -3.15 -9.11 0.61
CA ARG A 380 -3.21 -8.42 1.87
C ARG A 380 -1.89 -8.48 2.63
N GLY A 381 -1.34 -9.68 2.76
CA GLY A 381 -0.07 -9.89 3.46
C GLY A 381 1.03 -9.13 2.78
N LEU A 382 1.11 -9.26 1.47
CA LEU A 382 2.14 -8.57 0.67
C LEU A 382 2.03 -7.06 0.80
N GLN A 383 0.80 -6.55 0.80
CA GLN A 383 0.57 -5.12 0.93
C GLN A 383 0.91 -4.61 2.33
N ALA A 384 0.55 -5.37 3.37
CA ALA A 384 0.94 -5.06 4.74
C ALA A 384 2.43 -4.95 4.83
N LEU A 385 3.12 -5.97 4.35
CA LEU A 385 4.60 -6.03 4.33
C LEU A 385 5.24 -4.83 3.64
N ASN A 386 4.76 -4.46 2.46
CA ASN A 386 5.31 -3.34 1.71
C ASN A 386 5.04 -1.95 2.32
N ILE A 387 3.83 -1.72 2.81
CA ILE A 387 3.49 -0.46 3.45
C ILE A 387 4.40 -0.23 4.65
N ILE A 388 4.58 -1.25 5.47
CA ILE A 388 5.41 -1.17 6.68
C ILE A 388 6.89 -0.99 6.36
N ALA A 389 7.38 -1.69 5.35
CA ALA A 389 8.74 -1.50 4.85
C ALA A 389 8.99 -0.09 4.26
N HIS A 390 8.04 0.45 3.51
CA HIS A 390 8.21 1.74 2.81
C HIS A 390 7.74 2.97 3.61
N SER A 391 7.32 2.77 4.86
CA SER A 391 6.83 3.87 5.67
C SER A 391 7.99 4.58 6.38
N SER A 392 7.84 5.90 6.57
CA SER A 392 8.86 6.75 7.19
C SER A 392 8.86 6.71 8.72
N PHE A 393 8.88 5.52 9.30
CA PHE A 393 9.07 5.38 10.76
C PHE A 393 10.46 5.79 11.20
N VAL A 394 10.51 6.32 12.42
CA VAL A 394 11.73 6.63 13.13
C VAL A 394 11.71 5.81 14.44
N ALA A 395 12.78 5.95 15.25
CA ALA A 395 12.97 5.13 16.45
C ALA A 395 12.70 3.64 16.22
N ILE A 396 13.18 3.13 15.09
CA ILE A 396 13.10 1.73 14.77
C ILE A 396 14.30 1.35 13.90
N THR A 397 14.91 0.22 14.24
CA THR A 397 16.05 -0.31 13.50
C THR A 397 15.58 -1.12 12.28
N HIS A 398 16.51 -1.43 11.39
CA HIS A 398 16.20 -2.23 10.23
C HIS A 398 15.71 -3.66 10.57
N PRO A 399 16.30 -4.35 11.57
CA PRO A 399 15.71 -5.62 11.99
C PRO A 399 14.31 -5.48 12.64
N GLY A 400 14.07 -4.37 13.31
CA GLY A 400 12.75 -4.08 13.87
C GLY A 400 11.72 -3.82 12.78
N ARG A 401 12.15 -3.23 11.67
CA ARG A 401 11.29 -3.02 10.52
C ARG A 401 10.88 -4.35 9.95
N ALA A 402 11.86 -5.23 9.77
CA ALA A 402 11.61 -6.58 9.27
C ALA A 402 10.63 -7.36 10.18
N TYR A 403 10.76 -7.18 11.49
CA TYR A 403 9.88 -7.88 12.41
C TYR A 403 8.43 -7.50 12.14
N ILE A 404 8.17 -6.19 12.11
CA ILE A 404 6.82 -5.68 11.97
C ILE A 404 6.21 -6.14 10.67
N ALA A 405 6.96 -5.98 9.58
CA ALA A 405 6.51 -6.42 8.27
C ALA A 405 6.21 -7.92 8.26
N LEU A 406 7.09 -8.75 8.83
CA LEU A 406 6.89 -10.20 8.85
C LEU A 406 5.70 -10.57 9.69
N ALA A 407 5.59 -9.96 10.86
CA ALA A 407 4.49 -10.25 11.78
C ALA A 407 3.16 -10.11 11.04
N ASN A 408 2.98 -8.97 10.38
CA ASN A 408 1.75 -8.65 9.67
C ASN A 408 1.56 -9.45 8.38
N TYR A 409 2.66 -9.85 7.74
CA TYR A 409 2.58 -10.77 6.62
C TYR A 409 2.03 -12.11 7.07
N TYR A 410 2.55 -12.68 8.13
CA TYR A 410 2.07 -13.98 8.65
C TYR A 410 0.61 -13.92 9.09
N ARG A 411 0.22 -12.81 9.72
CA ARG A 411 -1.16 -12.59 10.16
C ARG A 411 -2.17 -12.74 9.01
N PHE A 412 -1.87 -12.16 7.85
CA PHE A 412 -2.79 -12.24 6.72
C PHE A 412 -2.59 -13.48 5.88
N GLU A 413 -1.42 -14.10 5.98
CA GLU A 413 -0.98 -15.07 4.98
C GLU A 413 -0.73 -16.50 5.50
N GLY A 414 -0.81 -16.69 6.81
CA GLY A 414 -0.42 -17.96 7.44
C GLY A 414 1.06 -18.02 7.84
N LEU A 415 1.40 -19.04 8.59
CA LEU A 415 2.71 -19.12 9.28
C LEU A 415 3.84 -19.68 8.44
N ASN A 416 3.56 -20.05 7.20
CA ASN A 416 4.60 -20.59 6.30
C ASN A 416 5.57 -19.54 5.78
N ASP A 417 6.81 -19.98 5.51
CA ASP A 417 7.82 -19.14 4.85
C ASP A 417 7.88 -19.39 3.35
N ASN A 418 8.39 -18.39 2.63
CA ASN A 418 8.49 -18.43 1.18
C ASN A 418 9.53 -17.41 0.73
N GLY A 419 9.69 -17.26 -0.58
CA GLY A 419 10.67 -16.33 -1.15
C GLY A 419 10.40 -14.87 -0.84
N THR A 420 9.16 -14.55 -0.48
CA THR A 420 8.80 -13.20 -0.04
C THR A 420 9.33 -12.94 1.38
N THR A 421 9.21 -13.92 2.28
CA THR A 421 9.64 -13.76 3.68
C THR A 421 11.13 -14.00 3.97
N GLU A 422 11.87 -14.64 3.05
CA GLU A 422 13.29 -14.97 3.29
CA GLU A 422 13.29 -14.97 3.26
C GLU A 422 14.16 -13.74 3.49
N PRO A 423 14.04 -12.73 2.61
CA PRO A 423 14.90 -11.56 2.81
C PRO A 423 14.63 -10.83 4.12
N LEU A 424 13.34 -10.63 4.43
CA LEU A 424 12.94 -9.96 5.67
C LEU A 424 13.34 -10.79 6.90
N ALA A 425 13.21 -12.11 6.83
CA ALA A 425 13.56 -13.02 7.93
C ALA A 425 15.05 -12.98 8.21
N ALA A 426 15.82 -12.87 7.13
CA ALA A 426 17.27 -12.75 7.20
C ALA A 426 17.61 -11.48 7.96
N MSE A 427 17.05 -10.36 7.49
CA MSE A 427 17.29 -9.07 8.15
C MSE A 427 16.93 -9.10 9.65
O MSE A 427 17.76 -8.78 10.50
CB MSE A 427 16.56 -7.96 7.41
CG MSE A 427 16.90 -6.57 7.89
SE MSE A 427 16.03 -5.18 6.81
CE MSE A 427 17.29 -5.16 5.21
N ALA A 428 15.71 -9.53 9.97
CA ALA A 428 15.23 -9.51 11.36
C ALA A 428 15.94 -10.52 12.27
N GLY A 429 16.42 -11.62 11.71
CA GLY A 429 17.08 -12.66 12.49
C GLY A 429 16.09 -13.65 13.07
N GLU A 430 16.60 -14.73 13.67
CA GLU A 430 15.77 -15.88 14.05
C GLU A 430 14.84 -15.62 15.23
N ARG A 431 15.27 -14.75 16.15
CA ARG A 431 14.49 -14.45 17.36
C ARG A 431 13.28 -13.57 17.00
N LEU A 432 13.53 -12.45 16.32
CA LEU A 432 12.46 -11.60 15.84
C LEU A 432 11.53 -12.29 14.80
N GLN A 433 12.07 -13.12 13.92
CA GLN A 433 11.24 -13.90 12.99
C GLN A 433 10.26 -14.78 13.75
N GLU A 434 10.75 -15.52 14.74
CA GLU A 434 9.89 -16.46 15.46
C GLU A 434 8.89 -15.73 16.37
N LEU A 435 9.25 -14.56 16.89
CA LEU A 435 8.29 -13.74 17.63
C LEU A 435 7.20 -13.17 16.70
N GLY A 436 7.54 -12.88 15.45
CA GLY A 436 6.58 -12.40 14.48
C GLY A 436 5.59 -13.48 14.04
N LYS A 437 6.11 -14.69 13.82
CA LYS A 437 5.25 -15.85 13.59
C LYS A 437 4.27 -16.10 14.75
N LEU A 438 4.75 -16.04 15.98
CA LEU A 438 3.91 -16.26 17.14
C LEU A 438 2.79 -15.24 17.15
N LEU A 439 3.14 -13.96 16.98
CA LEU A 439 2.16 -12.89 16.98
C LEU A 439 1.16 -13.08 15.83
N GLY A 440 1.65 -13.34 14.61
CA GLY A 440 0.75 -13.63 13.47
C GLY A 440 -0.20 -14.80 13.72
N GLY A 441 0.31 -15.88 14.30
CA GLY A 441 -0.51 -17.03 14.67
C GLY A 441 -1.57 -16.71 15.73
N LEU A 442 -1.20 -15.91 16.72
CA LEU A 442 -2.14 -15.50 17.73
C LEU A 442 -3.21 -14.56 17.16
N LEU A 443 -2.79 -13.59 16.33
CA LEU A 443 -3.75 -12.65 15.74
C LEU A 443 -4.74 -13.36 14.80
N ARG A 444 -4.28 -14.39 14.10
CA ARG A 444 -5.13 -15.23 13.25
C ARG A 444 -6.27 -15.93 13.97
N VAL A 445 -6.04 -16.35 15.21
CA VAL A 445 -7.07 -16.99 16.00
C VAL A 445 -8.08 -15.96 16.52
N VAL A 446 -7.60 -14.92 17.17
CA VAL A 446 -8.49 -13.91 17.78
C VAL A 446 -9.34 -13.16 16.72
N TYR A 447 -8.85 -13.01 15.50
CA TYR A 447 -9.63 -12.40 14.40
C TYR A 447 -10.98 -13.10 14.22
N LEU A 448 -10.96 -14.43 14.34
CA LEU A 448 -12.15 -15.25 14.15
C LEU A 448 -13.20 -15.08 15.27
N PHE A 449 -12.82 -14.48 16.40
CA PHE A 449 -13.75 -14.03 17.43
C PHE A 449 -14.12 -12.57 17.28
N SER A 450 -13.17 -11.74 16.89
CA SER A 450 -13.30 -10.28 17.00
C SER A 450 -13.91 -9.64 15.77
N ALA A 451 -13.72 -10.27 14.60
CA ALA A 451 -14.09 -9.66 13.29
C ALA A 451 -13.44 -8.28 13.17
N SER A 452 -12.26 -8.14 13.80
CA SER A 452 -11.46 -6.90 13.86
C SER A 452 -12.10 -5.75 14.61
N MSE A 453 -13.10 -6.05 15.43
CA MSE A 453 -13.84 -5.05 16.14
C MSE A 453 -13.63 -5.24 17.64
O MSE A 453 -13.23 -6.32 18.08
CB MSE A 453 -15.31 -5.15 15.74
CG MSE A 453 -15.52 -4.79 14.28
SE MSE A 453 -15.19 -2.85 13.97
CE MSE A 453 -16.59 -2.31 14.64
N PRO A 454 -13.89 -4.19 18.42
CA PRO A 454 -13.63 -4.27 19.85
C PRO A 454 -14.66 -5.04 20.68
N GLY A 455 -14.30 -5.34 21.93
CA GLY A 455 -15.23 -5.86 22.93
C GLY A 455 -15.14 -7.33 23.21
N VAL A 456 -14.40 -8.08 22.40
CA VAL A 456 -14.37 -9.54 22.57
C VAL A 456 -13.08 -10.05 23.19
N VAL A 457 -11.93 -9.61 22.67
CA VAL A 457 -10.65 -10.26 22.91
C VAL A 457 -10.21 -10.22 24.36
N ASP A 458 -10.54 -9.15 25.08
CA ASP A 458 -10.20 -9.06 26.49
C ASP A 458 -10.92 -10.11 27.37
N HIS A 459 -11.94 -10.77 26.86
CA HIS A 459 -12.60 -11.83 27.60
C HIS A 459 -12.03 -13.20 27.31
N LEU A 460 -10.99 -13.25 26.48
CA LEU A 460 -10.47 -14.50 25.97
C LEU A 460 -9.09 -14.66 26.52
N LYS A 461 -8.76 -15.82 27.02
CA LYS A 461 -7.44 -16.05 27.63
C LYS A 461 -6.95 -17.47 27.41
N PHE A 462 -5.63 -17.62 27.42
CA PHE A 462 -4.97 -18.91 27.44
C PHE A 462 -4.62 -19.26 28.90
N ARG A 463 -4.67 -20.55 29.24
CA ARG A 463 -4.25 -21.01 30.56
C ARG A 463 -3.79 -22.48 30.52
N LYS A 464 -3.09 -22.93 31.56
CA LYS A 464 -2.70 -24.34 31.71
C LYS A 464 -3.91 -25.28 31.79
N SER A 465 -3.81 -26.46 31.19
CA SER A 465 -4.89 -27.44 31.26
C SER A 465 -4.55 -28.55 32.27
N ASP A 466 -5.55 -28.91 33.07
CA ASP A 466 -5.47 -30.06 33.98
C ASP A 466 -5.41 -31.39 33.24
N ASN A 467 -5.96 -31.43 32.01
CA ASN A 467 -5.75 -32.54 31.09
C ASN A 467 -4.24 -32.63 30.77
N PRO A 468 -3.62 -33.81 30.99
CA PRO A 468 -2.18 -33.90 30.75
C PRO A 468 -1.84 -33.85 29.26
N ASP A 469 -2.80 -34.20 28.42
CA ASP A 469 -2.64 -34.21 26.96
C ASP A 469 -2.88 -32.82 26.28
N ILE A 470 -3.10 -31.78 27.09
CA ILE A 470 -3.26 -30.42 26.59
C ILE A 470 -2.38 -29.53 27.47
N ASP A 471 -1.51 -28.77 26.84
CA ASP A 471 -0.58 -27.85 27.50
C ASP A 471 -1.21 -26.50 27.83
N LEU A 472 -1.92 -25.91 26.86
CA LEU A 472 -2.66 -24.67 27.07
C LEU A 472 -4.07 -24.81 26.49
N GLU A 473 -5.06 -24.31 27.24
CA GLU A 473 -6.42 -24.22 26.72
C GLU A 473 -6.83 -22.74 26.51
N PHE A 474 -7.55 -22.50 25.41
CA PHE A 474 -8.08 -21.16 25.07
C PHE A 474 -9.50 -21.09 25.66
N VAL A 475 -9.69 -20.23 26.65
CA VAL A 475 -10.93 -20.23 27.41
C VAL A 475 -11.88 -19.16 26.86
N VAL A 476 -13.08 -19.62 26.50
CA VAL A 476 -14.08 -18.80 25.87
C VAL A 476 -15.30 -18.75 26.82
N PRO A 477 -15.67 -17.55 27.31
CA PRO A 477 -16.90 -17.46 28.13
C PRO A 477 -18.14 -17.89 27.39
N HIS A 478 -19.15 -18.33 28.14
CA HIS A 478 -20.35 -18.88 27.55
C HIS A 478 -21.07 -17.87 26.65
N ASP A 479 -20.83 -16.60 26.86
CA ASP A 479 -21.39 -15.55 26.02
C ASP A 479 -21.00 -15.67 24.57
N TYR A 480 -19.83 -16.27 24.32
CA TYR A 480 -19.24 -16.35 22.99
C TYR A 480 -19.28 -17.79 22.46
N CYS A 481 -20.14 -18.61 23.05
CA CYS A 481 -20.25 -20.03 22.72
C CYS A 481 -20.55 -20.34 21.25
N ASP A 482 -21.38 -19.50 20.64
CA ASP A 482 -21.74 -19.64 19.24
C ASP A 482 -20.70 -19.20 18.24
N PHE A 483 -19.53 -18.73 18.68
CA PHE A 483 -18.39 -18.47 17.80
C PHE A 483 -17.66 -19.76 17.43
N ALA A 484 -17.95 -20.83 18.14
CA ALA A 484 -17.40 -22.16 17.89
C ALA A 484 -17.65 -22.57 16.45
N GLY A 485 -16.59 -23.04 15.80
CA GLY A 485 -16.67 -23.50 14.42
C GLY A 485 -15.50 -24.27 13.85
N GLU A 486 -15.68 -24.77 12.64
CA GLU A 486 -14.63 -25.55 11.94
C GLU A 486 -13.36 -24.73 11.66
N ARG A 487 -13.53 -23.45 11.32
CA ARG A 487 -12.44 -22.56 10.95
C ARG A 487 -11.50 -22.21 12.09
N LEU A 488 -12.08 -21.96 13.27
CA LEU A 488 -11.34 -21.71 14.50
C LEU A 488 -10.50 -22.91 14.88
N ASP A 489 -11.03 -24.10 14.68
CA ASP A 489 -10.24 -25.31 15.02
C ASP A 489 -8.93 -25.42 14.22
N GLY A 490 -9.00 -25.12 12.93
CA GLY A 490 -7.79 -25.24 12.10
C GLY A 490 -6.73 -24.25 12.49
N ARG A 491 -7.15 -23.02 12.78
CA ARG A 491 -6.19 -21.95 13.11
C ARG A 491 -5.50 -22.20 14.44
N LEU A 492 -6.23 -22.73 15.42
CA LEU A 492 -5.63 -23.03 16.73
C LEU A 492 -4.63 -24.16 16.60
N GLN A 493 -4.88 -25.10 15.70
CA GLN A 493 -3.92 -26.21 15.49
C GLN A 493 -2.67 -25.79 14.74
N GLN A 494 -2.79 -24.82 13.84
CA GLN A 494 -1.62 -24.19 13.21
C GLN A 494 -0.75 -23.52 14.28
N LEU A 495 -1.37 -22.91 15.27
CA LEU A 495 -0.63 -22.29 16.37
C LEU A 495 -0.01 -23.37 17.26
N ALA A 496 -0.74 -24.46 17.48
CA ALA A 496 -0.19 -25.60 18.25
C ALA A 496 1.05 -26.16 17.57
N LYS A 497 0.98 -26.42 16.27
CA LYS A 497 2.13 -26.95 15.54
C LYS A 497 3.29 -25.97 15.60
N LEU A 498 3.01 -24.69 15.37
CA LEU A 498 4.05 -23.64 15.44
C LEU A 498 4.78 -23.66 16.76
N THR A 499 4.03 -23.60 17.86
CA THR A 499 4.59 -23.42 19.19
C THR A 499 5.03 -24.72 19.84
N GLY A 500 4.65 -25.85 19.23
CA GLY A 500 4.93 -27.15 19.78
C GLY A 500 4.25 -27.38 21.13
N LYS A 501 3.06 -26.82 21.29
CA LYS A 501 2.27 -27.04 22.50
C LYS A 501 0.92 -27.55 22.08
N ARG A 502 0.39 -28.49 22.84
CA ARG A 502 -0.92 -29.02 22.50
C ARG A 502 -1.98 -28.06 22.99
N LEU A 503 -2.84 -27.63 22.08
CA LEU A 503 -3.84 -26.62 22.38
C LEU A 503 -5.27 -27.13 22.16
N ALA A 504 -6.18 -26.60 22.97
CA ALA A 504 -7.60 -26.89 22.85
C ALA A 504 -8.42 -25.67 23.30
N PHE A 505 -9.60 -25.52 22.71
CA PHE A 505 -10.56 -24.51 23.14
C PHE A 505 -11.32 -25.07 24.33
N VAL A 506 -11.72 -24.21 25.27
CA VAL A 506 -12.73 -24.56 26.26
C VAL A 506 -13.86 -23.58 26.10
N PHE A 507 -14.94 -24.02 25.46
CA PHE A 507 -16.13 -23.20 25.33
C PHE A 507 -16.95 -23.45 26.58
N GLU A 508 -16.91 -22.47 27.50
CA GLU A 508 -17.65 -22.59 28.75
C GLU A 508 -19.18 -22.56 28.55
N ARG B 4 -18.42 7.04 18.65
CA ARG B 4 -18.09 5.63 19.03
C ARG B 4 -16.76 5.09 18.39
N SER B 5 -16.19 5.79 17.39
CA SER B 5 -14.85 5.44 16.82
C SER B 5 -13.98 6.60 16.27
N GLU B 6 -12.66 6.49 16.49
CA GLU B 6 -11.67 7.34 15.83
C GLU B 6 -11.42 7.02 14.33
N ALA B 7 -12.03 5.95 13.82
CA ALA B 7 -11.75 5.40 12.50
C ALA B 7 -12.01 6.32 11.28
N GLN B 8 -10.95 6.96 10.78
CA GLN B 8 -11.00 7.71 9.51
C GLN B 8 -10.87 6.79 8.29
N GLY B 9 -10.49 5.53 8.51
CA GLY B 9 -10.30 4.61 7.40
C GLY B 9 -11.55 3.89 6.93
N ARG B 10 -12.70 4.47 7.26
CA ARG B 10 -14.02 3.92 6.99
C ARG B 10 -14.89 4.94 6.32
N LEU B 11 -15.50 4.53 5.21
CA LEU B 11 -16.36 5.44 4.43
C LEU B 11 -17.54 5.86 5.27
N THR B 12 -17.83 7.17 5.28
CA THR B 12 -18.92 7.69 6.11
C THR B 12 -20.23 7.59 5.36
N GLY B 13 -21.33 7.55 6.11
CA GLY B 13 -22.65 7.49 5.51
C GLY B 13 -23.14 6.09 5.22
N LEU B 14 -22.30 5.09 5.51
CA LEU B 14 -22.58 3.68 5.23
C LEU B 14 -22.73 2.91 6.54
N ALA B 15 -23.85 2.23 6.70
CA ALA B 15 -24.02 1.27 7.81
C ALA B 15 -23.69 -0.13 7.28
N PRO B 16 -22.83 -0.91 7.97
CA PRO B 16 -22.51 -2.22 7.47
C PRO B 16 -23.75 -3.13 7.34
N VAL B 17 -23.65 -4.02 6.34
CA VAL B 17 -24.71 -4.96 6.02
CA VAL B 17 -24.72 -4.95 5.98
C VAL B 17 -24.10 -6.34 5.82
N SER B 18 -24.73 -7.37 6.41
CA SER B 18 -24.30 -8.78 6.23
C SER B 18 -25.18 -9.46 5.21
N VAL B 19 -24.56 -10.28 4.38
CA VAL B 19 -25.29 -11.11 3.44
C VAL B 19 -24.87 -12.53 3.71
N ILE B 20 -25.82 -13.40 4.03
CA ILE B 20 -25.51 -14.83 4.19
C ILE B 20 -26.07 -15.54 2.97
N ASP B 21 -25.27 -16.42 2.39
CA ASP B 21 -25.60 -17.14 1.18
C ASP B 21 -25.50 -18.64 1.50
N ILE B 22 -26.63 -19.32 1.56
CA ILE B 22 -26.74 -20.76 1.73
C ILE B 22 -26.79 -21.50 0.40
N GLY B 23 -25.67 -22.07 0.02
CA GLY B 23 -25.58 -22.75 -1.27
C GLY B 23 -25.58 -24.25 -1.17
N SER B 24 -25.54 -24.87 -2.34
CA SER B 24 -25.53 -26.28 -2.48
C SER B 24 -24.22 -26.82 -2.01
N ASN B 25 -23.13 -26.06 -2.12
CA ASN B 25 -21.88 -26.53 -1.54
C ASN B 25 -21.41 -25.69 -0.36
N SER B 26 -21.29 -24.41 -0.56
CA SER B 26 -20.79 -23.54 0.50
C SER B 26 -21.93 -22.76 1.15
N VAL B 27 -21.76 -22.57 2.45
CA VAL B 27 -22.47 -21.60 3.23
C VAL B 27 -21.46 -20.47 3.56
N ARG B 28 -21.80 -19.23 3.22
CA ARG B 28 -20.91 -18.07 3.30
C ARG B 28 -21.51 -16.82 3.98
N LEU B 29 -20.67 -16.05 4.68
CA LEU B 29 -20.99 -14.76 5.26
C LEU B 29 -20.05 -13.79 4.63
N VAL B 30 -20.57 -12.64 4.21
CA VAL B 30 -19.78 -11.50 3.84
C VAL B 30 -20.44 -10.27 4.51
N VAL B 31 -19.63 -9.38 5.07
CA VAL B 31 -20.10 -8.13 5.67
C VAL B 31 -19.47 -7.02 4.81
N TYR B 32 -20.30 -6.14 4.27
CA TYR B 32 -19.88 -5.01 3.50
C TYR B 32 -19.95 -3.75 4.32
N GLU B 33 -19.07 -2.80 3.99
CA GLU B 33 -19.18 -1.43 4.55
C GLU B 33 -20.57 -0.81 4.49
N GLY B 34 -21.26 -1.07 3.38
CA GLY B 34 -22.65 -0.62 3.24
C GLY B 34 -23.26 -1.17 1.98
N LEU B 35 -24.56 -0.94 1.82
CA LEU B 35 -25.29 -1.34 0.64
C LEU B 35 -25.15 -0.22 -0.33
N SER B 36 -24.02 -0.22 -1.05
CA SER B 36 -23.68 0.86 -1.97
C SER B 36 -23.04 0.26 -3.22
N ARG B 37 -22.69 1.07 -4.20
CA ARG B 37 -22.08 0.53 -5.45
C ARG B 37 -20.72 -0.16 -5.31
N ALA B 38 -19.81 0.39 -4.53
CA ALA B 38 -18.48 -0.19 -4.39
C ALA B 38 -18.00 -0.15 -2.93
N PRO B 39 -18.60 -0.99 -2.09
CA PRO B 39 -18.15 -1.05 -0.71
C PRO B 39 -17.06 -2.10 -0.59
N ALA B 40 -16.23 -1.94 0.42
CA ALA B 40 -15.26 -2.95 0.77
C ALA B 40 -15.90 -4.02 1.68
N VAL B 41 -15.29 -5.18 1.61
CA VAL B 41 -15.62 -6.33 2.43
C VAL B 41 -14.98 -6.14 3.81
N LEU B 42 -15.84 -6.04 4.84
CA LEU B 42 -15.38 -5.91 6.22
C LEU B 42 -15.10 -7.24 6.91
N PHE B 43 -15.73 -8.32 6.43
CA PHE B 43 -15.50 -9.67 6.93
C PHE B 43 -16.02 -10.70 5.92
N ASN B 44 -15.37 -11.86 5.89
CA ASN B 44 -15.68 -12.91 4.96
C ASN B 44 -15.48 -14.30 5.59
N GLU B 45 -16.42 -15.22 5.39
CA GLU B 45 -16.22 -16.60 5.83
C GLU B 45 -16.99 -17.60 4.98
N LYS B 46 -16.40 -18.77 4.75
CA LYS B 46 -17.01 -19.79 3.90
C LYS B 46 -16.81 -21.15 4.55
N VAL B 47 -17.88 -21.91 4.69
CA VAL B 47 -17.80 -23.26 5.14
C VAL B 47 -18.38 -24.15 4.04
N LEU B 48 -17.62 -25.18 3.60
CA LEU B 48 -18.07 -26.13 2.56
C LEU B 48 -18.95 -27.25 3.13
N CYS B 49 -20.22 -26.97 3.37
CA CYS B 49 -21.13 -27.93 3.98
C CYS B 49 -21.63 -29.10 3.08
N GLY B 50 -21.79 -28.88 1.77
CA GLY B 50 -22.27 -29.94 0.86
C GLY B 50 -23.72 -30.37 1.12
N LEU B 51 -24.59 -29.39 1.33
CA LEU B 51 -26.04 -29.57 1.40
C LEU B 51 -26.60 -30.30 0.18
N GLY B 52 -26.01 -30.05 -0.97
CA GLY B 52 -26.35 -30.76 -2.18
C GLY B 52 -25.85 -32.16 -2.41
N LYS B 53 -24.94 -32.68 -1.60
CA LYS B 53 -24.51 -34.07 -1.76
C LYS B 53 -25.71 -35.02 -1.68
N GLY B 54 -25.87 -35.85 -2.70
CA GLY B 54 -26.90 -36.88 -2.74
C GLY B 54 -28.26 -36.39 -3.10
N LEU B 55 -28.44 -35.07 -3.27
CA LEU B 55 -29.76 -34.50 -3.46
C LEU B 55 -30.37 -35.02 -4.76
N ALA B 56 -29.57 -35.04 -5.83
CA ALA B 56 -30.01 -35.53 -7.14
C ALA B 56 -30.54 -36.98 -7.06
N LEU B 57 -29.94 -37.77 -6.20
CA LEU B 57 -30.28 -39.19 -6.07
C LEU B 57 -31.37 -39.48 -5.04
N THR B 58 -31.48 -38.67 -4.00
CA THR B 58 -32.28 -38.99 -2.80
C THR B 58 -33.50 -38.08 -2.58
N GLY B 59 -33.53 -36.91 -3.19
CA GLY B 59 -34.57 -35.97 -2.92
C GLY B 59 -34.43 -35.24 -1.59
N ARG B 60 -33.28 -35.36 -0.91
CA ARG B 60 -33.02 -34.62 0.33
C ARG B 60 -31.66 -33.95 0.34
N MSE B 61 -31.57 -32.81 1.03
CA MSE B 61 -30.25 -32.26 1.29
C MSE B 61 -29.53 -33.21 2.24
O MSE B 61 -30.16 -33.88 3.03
CB MSE B 61 -30.30 -30.85 1.89
CG MSE B 61 -30.84 -29.89 0.94
SE MSE B 61 -30.99 -28.14 1.66
CE MSE B 61 -31.72 -28.47 2.90
N HIS B 62 -28.22 -33.26 2.11
CA HIS B 62 -27.36 -34.19 2.86
C HIS B 62 -27.45 -33.86 4.32
N GLU B 63 -27.76 -34.81 5.18
CA GLU B 63 -28.03 -34.52 6.59
C GLU B 63 -26.79 -34.05 7.36
N GLU B 64 -25.65 -34.62 7.04
CA GLU B 64 -24.40 -34.21 7.61
C GLU B 64 -24.13 -32.73 7.19
N GLY B 65 -24.53 -32.37 5.98
CA GLY B 65 -24.44 -30.99 5.51
C GLY B 65 -25.42 -30.05 6.21
N VAL B 66 -26.62 -30.54 6.53
CA VAL B 66 -27.61 -29.78 7.24
C VAL B 66 -27.08 -29.43 8.63
N THR B 67 -26.49 -30.41 9.30
CA THR B 67 -25.88 -30.22 10.62
C THR B 67 -24.76 -29.16 10.60
N ARG B 68 -23.83 -29.26 9.65
CA ARG B 68 -22.74 -28.29 9.52
C ARG B 68 -23.21 -26.89 9.10
N ALA B 69 -24.21 -26.82 8.23
CA ALA B 69 -24.76 -25.56 7.79
C ALA B 69 -25.41 -24.81 8.96
N LEU B 70 -26.21 -25.51 9.76
CA LEU B 70 -26.83 -24.92 10.91
C LEU B 70 -25.80 -24.41 11.94
N MSE B 71 -24.77 -25.20 12.21
CA MSE B 71 -23.67 -24.73 13.05
CA MSE B 71 -23.64 -24.75 13.04
C MSE B 71 -22.97 -23.48 12.49
O MSE B 71 -22.61 -22.58 13.25
CB MSE B 71 -22.64 -25.83 13.25
CB MSE B 71 -22.62 -25.88 13.12
CG MSE B 71 -21.47 -25.40 14.12
CG MSE B 71 -21.40 -25.62 14.01
SE MSE B 71 -20.37 -26.87 14.75
SE MSE B 71 -21.73 -25.82 15.94
CE MSE B 71 -19.38 -27.24 13.09
CE MSE B 71 -19.83 -26.01 16.55
N ALA B 72 -22.75 -23.43 11.18
CA ALA B 72 -22.13 -22.27 10.56
C ALA B 72 -23.03 -21.06 10.73
N LEU B 73 -24.33 -21.22 10.62
CA LEU B 73 -25.25 -20.10 10.71
C LEU B 73 -25.28 -19.53 12.12
N ARG B 74 -25.18 -20.38 13.15
CA ARG B 74 -25.08 -19.90 14.54
C ARG B 74 -23.90 -18.95 14.73
N ARG B 75 -22.74 -19.36 14.22
CA ARG B 75 -21.55 -18.56 14.20
C ARG B 75 -21.65 -17.35 13.26
N PHE B 76 -22.25 -17.49 12.09
CA PHE B 76 -22.43 -16.32 11.23
C PHE B 76 -23.28 -15.26 11.88
N HIS B 77 -24.26 -15.69 12.67
CA HIS B 77 -25.13 -14.79 13.39
C HIS B 77 -24.35 -13.92 14.38
N VAL B 78 -23.53 -14.53 15.21
CA VAL B 78 -22.74 -13.77 16.19
C VAL B 78 -21.64 -12.95 15.56
N LEU B 79 -21.08 -13.41 14.44
CA LEU B 79 -20.09 -12.61 13.71
C LEU B 79 -20.68 -11.35 13.09
N SER B 80 -21.89 -11.48 12.57
CA SER B 80 -22.61 -10.36 11.99
C SER B 80 -22.85 -9.25 13.03
N GLU B 81 -23.18 -9.65 14.26
CA GLU B 81 -23.39 -8.72 15.35
C GLU B 81 -22.10 -8.06 15.84
N GLN B 82 -21.08 -8.87 16.03
CA GLN B 82 -19.78 -8.39 16.42
C GLN B 82 -19.19 -7.44 15.37
N ALA B 83 -19.45 -7.71 14.10
CA ALA B 83 -19.00 -6.88 12.99
C ALA B 83 -19.86 -5.62 12.85
N GLN B 84 -20.86 -5.45 13.69
CA GLN B 84 -21.73 -4.27 13.74
C GLN B 84 -22.62 -4.02 12.54
N ALA B 85 -23.11 -5.10 11.93
CA ALA B 85 -23.98 -5.04 10.78
C ALA B 85 -25.35 -4.59 11.23
N GLN B 86 -25.95 -3.65 10.50
CA GLN B 86 -27.26 -3.11 10.88
C GLN B 86 -28.38 -3.77 10.08
N LYS B 87 -28.06 -4.56 9.07
CA LYS B 87 -29.04 -5.23 8.27
C LYS B 87 -28.43 -6.54 7.83
N LEU B 88 -29.27 -7.56 7.67
CA LEU B 88 -28.89 -8.88 7.22
C LEU B 88 -29.81 -9.29 6.08
N TYR B 89 -29.22 -9.77 5.00
CA TYR B 89 -29.92 -10.37 3.89
C TYR B 89 -29.47 -11.83 3.85
N VAL B 90 -30.41 -12.76 3.73
CA VAL B 90 -30.09 -14.19 3.58
C VAL B 90 -30.74 -14.70 2.29
N LEU B 91 -29.93 -15.34 1.43
CA LEU B 91 -30.33 -16.07 0.20
C LEU B 91 -30.07 -17.54 0.37
N ALA B 92 -30.89 -18.36 -0.26
CA ALA B 92 -30.69 -19.79 -0.29
C ALA B 92 -30.92 -20.33 -1.68
N THR B 93 -30.12 -21.34 -1.96
CA THR B 93 -30.17 -22.12 -3.17
C THR B 93 -31.58 -22.64 -3.46
N ALA B 94 -31.88 -22.73 -4.75
CA ALA B 94 -33.10 -23.35 -5.26
C ALA B 94 -33.23 -24.81 -4.82
N ALA B 95 -32.10 -25.48 -4.56
CA ALA B 95 -32.04 -26.84 -4.03
C ALA B 95 -32.94 -27.02 -2.83
N ALA B 96 -33.04 -26.01 -1.98
CA ALA B 96 -33.88 -26.11 -0.75
C ALA B 96 -35.35 -26.37 -1.10
N ARG B 97 -35.77 -25.96 -2.31
CA ARG B 97 -37.13 -26.24 -2.82
C ARG B 97 -37.34 -27.63 -3.35
N GLU B 98 -36.30 -28.21 -3.90
CA GLU B 98 -36.41 -29.54 -4.41
C GLU B 98 -36.08 -30.59 -3.36
N ALA B 99 -35.89 -30.19 -2.09
CA ALA B 99 -35.49 -31.13 -1.05
C ALA B 99 -36.62 -31.32 -0.07
N GLU B 100 -36.91 -32.58 0.22
CA GLU B 100 -37.95 -32.96 1.15
C GLU B 100 -37.71 -32.43 2.57
N ASN B 101 -36.44 -32.28 2.94
CA ASN B 101 -36.06 -31.67 4.20
C ASN B 101 -35.75 -30.18 4.10
N GLY B 102 -36.08 -29.58 2.96
CA GLY B 102 -35.80 -28.18 2.69
C GLY B 102 -36.50 -27.18 3.58
N PRO B 103 -37.84 -27.22 3.61
CA PRO B 103 -38.69 -26.43 4.50
C PRO B 103 -38.30 -26.48 5.96
N ASP B 104 -38.07 -27.69 6.50
CA ASP B 104 -37.57 -27.82 7.85
C ASP B 104 -36.24 -27.10 8.05
N PHE B 105 -35.30 -27.30 7.13
CA PHE B 105 -34.00 -26.69 7.21
C PHE B 105 -34.11 -25.17 7.22
N ILE B 106 -34.85 -24.62 6.27
CA ILE B 106 -35.02 -23.16 6.17
C ILE B 106 -35.67 -22.58 7.42
N ARG B 107 -36.67 -23.25 7.96
CA ARG B 107 -37.31 -22.87 9.22
C ARG B 107 -36.29 -22.76 10.38
N GLU B 108 -35.48 -23.79 10.53
CA GLU B 108 -34.46 -23.81 11.55
C GLU B 108 -33.39 -22.75 11.35
N ALA B 109 -33.02 -22.50 10.09
CA ALA B 109 -32.02 -21.47 9.74
C ALA B 109 -32.57 -20.11 10.07
N GLU B 110 -33.85 -19.91 9.80
CA GLU B 110 -34.54 -18.65 10.10
C GLU B 110 -34.61 -18.35 11.58
N ALA B 111 -34.78 -19.39 12.40
CA ALA B 111 -34.80 -19.24 13.87
C ALA B 111 -33.40 -18.90 14.38
N ILE B 112 -32.38 -19.50 13.79
CA ILE B 112 -31.01 -19.18 14.17
C ILE B 112 -30.65 -17.72 13.81
N LEU B 113 -31.06 -17.28 12.64
CA LEU B 113 -30.65 -15.97 12.15
C LEU B 113 -31.59 -14.82 12.48
N GLY B 114 -32.80 -15.13 12.96
CA GLY B 114 -33.79 -14.15 13.39
C GLY B 114 -34.38 -13.33 12.25
N CYS B 115 -34.54 -13.98 11.11
CA CYS B 115 -34.60 -13.27 9.87
C CYS B 115 -35.09 -14.24 8.78
N GLU B 116 -35.94 -13.75 7.90
CA GLU B 116 -36.48 -14.48 6.77
C GLU B 116 -35.43 -14.70 5.70
N ILE B 117 -35.54 -15.83 5.03
CA ILE B 117 -34.60 -16.26 4.04
C ILE B 117 -35.29 -16.24 2.71
N GLU B 118 -34.64 -15.62 1.74
CA GLU B 118 -35.13 -15.53 0.38
C GLU B 118 -34.60 -16.78 -0.32
N VAL B 119 -35.47 -17.76 -0.56
CA VAL B 119 -35.13 -19.02 -1.24
C VAL B 119 -35.35 -18.80 -2.74
N LEU B 120 -34.29 -18.80 -3.54
CA LEU B 120 -34.38 -18.49 -4.93
C LEU B 120 -34.99 -19.63 -5.74
N SER B 121 -35.51 -19.27 -6.92
CA SER B 121 -35.96 -20.19 -7.97
C SER B 121 -34.84 -20.25 -8.95
N GLY B 122 -34.86 -21.24 -9.84
CA GLY B 122 -33.84 -21.37 -10.89
C GLY B 122 -33.84 -20.12 -11.77
N GLU B 123 -35.02 -19.58 -12.00
CA GLU B 123 -35.21 -18.35 -12.78
C GLU B 123 -34.52 -17.16 -12.09
N LYS B 124 -34.71 -17.00 -10.77
CA LYS B 124 -34.01 -15.96 -10.01
C LYS B 124 -32.52 -16.17 -9.89
N GLU B 125 -32.07 -17.42 -9.78
CA GLU B 125 -30.64 -17.74 -9.83
C GLU B 125 -30.00 -17.24 -11.14
N ALA B 126 -30.63 -17.56 -12.27
CA ALA B 126 -30.15 -17.10 -13.58
C ALA B 126 -30.15 -15.59 -13.66
N LEU B 127 -31.22 -14.96 -13.18
CA LEU B 127 -31.35 -13.52 -13.20
C LEU B 127 -30.27 -12.84 -12.42
N TYR B 128 -30.04 -13.33 -11.20
CA TYR B 128 -29.07 -12.75 -10.30
C TYR B 128 -27.64 -13.05 -10.77
N SER B 129 -27.42 -14.17 -11.48
CA SER B 129 -26.12 -14.43 -12.11
C SER B 129 -25.84 -13.35 -13.15
N ALA B 130 -26.83 -13.05 -13.99
CA ALA B 130 -26.72 -12.03 -15.03
C ALA B 130 -26.49 -10.66 -14.43
N TYR B 131 -27.21 -10.30 -13.35
CA TYR B 131 -27.01 -9.00 -12.66
C TYR B 131 -25.60 -8.88 -12.13
N GLY B 132 -25.01 -10.00 -11.68
CA GLY B 132 -23.65 -10.02 -11.16
C GLY B 132 -22.61 -9.76 -12.23
N VAL B 133 -22.89 -10.19 -13.45
CA VAL B 133 -22.00 -9.94 -14.56
C VAL B 133 -22.22 -8.50 -14.97
N ILE B 134 -23.48 -8.09 -15.08
CA ILE B 134 -23.82 -6.70 -15.47
C ILE B 134 -23.18 -5.70 -14.51
N SER B 135 -23.23 -6.01 -13.20
CA SER B 135 -22.66 -5.11 -12.20
C SER B 135 -21.14 -5.06 -12.19
N GLY B 136 -20.50 -6.16 -12.59
CA GLY B 136 -19.04 -6.27 -12.52
C GLY B 136 -18.22 -5.99 -13.76
N PHE B 137 -18.86 -5.79 -14.92
CA PHE B 137 -18.16 -5.56 -16.18
C PHE B 137 -18.69 -4.33 -16.83
N TYR B 138 -17.83 -3.64 -17.56
CA TYR B 138 -18.24 -2.52 -18.35
C TYR B 138 -18.73 -3.05 -19.69
N GLN B 139 -19.98 -2.70 -20.04
CA GLN B 139 -20.58 -3.05 -21.35
C GLN B 139 -20.35 -4.50 -21.81
N PRO B 140 -20.77 -5.46 -20.99
CA PRO B 140 -20.56 -6.84 -21.35
C PRO B 140 -21.42 -7.31 -22.51
N ASP B 141 -21.00 -8.38 -23.16
CA ASP B 141 -21.71 -8.85 -24.35
C ASP B 141 -21.35 -10.30 -24.61
N GLY B 142 -22.31 -11.17 -24.34
CA GLY B 142 -22.15 -12.57 -24.58
C GLY B 142 -23.13 -13.34 -23.76
N ILE B 143 -22.69 -14.46 -23.21
CA ILE B 143 -23.53 -15.32 -22.44
C ILE B 143 -22.83 -15.58 -21.12
N ALA B 144 -23.56 -15.44 -20.02
CA ALA B 144 -23.06 -15.82 -18.70
C ALA B 144 -23.41 -17.28 -18.39
N GLY B 145 -22.47 -17.99 -17.79
CA GLY B 145 -22.71 -19.34 -17.31
C GLY B 145 -22.31 -19.44 -15.85
N ASP B 146 -23.27 -19.75 -14.99
CA ASP B 146 -23.05 -19.95 -13.54
C ASP B 146 -23.17 -21.45 -13.20
N LEU B 147 -22.05 -22.10 -12.97
CA LEU B 147 -22.07 -23.54 -12.61
C LEU B 147 -22.06 -23.63 -11.10
N GLY B 148 -23.15 -24.14 -10.55
CA GLY B 148 -23.23 -24.41 -9.10
C GLY B 148 -23.12 -25.91 -8.87
N GLY B 149 -23.46 -26.33 -7.66
CA GLY B 149 -23.34 -27.70 -7.26
C GLY B 149 -24.34 -28.57 -7.96
N GLY B 150 -25.55 -28.06 -8.15
CA GLY B 150 -26.58 -28.85 -8.83
C GLY B 150 -26.95 -28.42 -10.22
N SER B 151 -26.87 -27.14 -10.46
CA SER B 151 -27.37 -26.57 -11.69
C SER B 151 -26.33 -25.72 -12.43
N LEU B 152 -26.51 -25.63 -13.74
CA LEU B 152 -25.77 -24.71 -14.59
C LEU B 152 -26.80 -23.72 -15.13
N GLU B 153 -26.62 -22.43 -14.81
CA GLU B 153 -27.43 -21.38 -15.39
C GLU B 153 -26.73 -20.70 -16.57
N LEU B 154 -27.47 -20.51 -17.66
CA LEU B 154 -26.99 -19.83 -18.84
C LEU B 154 -27.99 -18.73 -19.18
N ILE B 155 -27.47 -17.53 -19.46
CA ILE B 155 -28.28 -16.37 -19.75
C ILE B 155 -27.50 -15.37 -20.64
N ASP B 156 -28.13 -14.89 -21.71
CA ASP B 156 -27.51 -13.89 -22.59
C ASP B 156 -27.38 -12.56 -21.90
N ILE B 157 -26.30 -11.82 -22.19
CA ILE B 157 -26.00 -10.51 -21.60
C ILE B 157 -25.64 -9.52 -22.67
N LYS B 158 -26.17 -8.30 -22.60
CA LYS B 158 -25.74 -7.21 -23.46
C LYS B 158 -25.94 -5.87 -22.75
N ASP B 159 -24.79 -5.25 -22.41
CA ASP B 159 -24.69 -4.00 -21.67
CA ASP B 159 -24.73 -3.98 -21.70
C ASP B 159 -25.40 -4.15 -20.32
N LYS B 160 -26.57 -3.54 -20.12
CA LYS B 160 -27.32 -3.64 -18.87
C LYS B 160 -28.59 -4.45 -19.04
N SER B 161 -28.63 -5.37 -19.99
CA SER B 161 -29.80 -6.18 -20.23
C SER B 161 -29.42 -7.65 -20.21
N CYS B 162 -30.40 -8.51 -19.99
CA CYS B 162 -30.13 -9.92 -20.07
C CYS B 162 -31.34 -10.58 -20.73
N GLY B 163 -31.17 -11.80 -21.17
CA GLY B 163 -32.24 -12.55 -21.81
C GLY B 163 -32.98 -13.37 -20.78
N GLU B 164 -33.81 -14.30 -21.25
CA GLU B 164 -34.40 -15.29 -20.36
C GLU B 164 -33.35 -16.34 -20.05
N GLY B 165 -33.23 -16.67 -18.78
CA GLY B 165 -32.29 -17.68 -18.35
C GLY B 165 -32.79 -19.08 -18.65
N ILE B 166 -31.86 -20.03 -18.77
CA ILE B 166 -32.16 -21.44 -18.79
C ILE B 166 -31.33 -22.09 -17.69
N THR B 167 -31.79 -23.23 -17.19
CA THR B 167 -31.18 -23.95 -16.07
C THR B 167 -30.99 -25.37 -16.51
N LEU B 168 -29.75 -25.85 -16.44
CA LEU B 168 -29.39 -27.18 -16.90
C LEU B 168 -28.94 -27.99 -15.70
N PRO B 169 -29.33 -29.26 -15.65
CA PRO B 169 -28.98 -30.11 -14.49
C PRO B 169 -27.54 -30.60 -14.57
N LEU B 170 -26.59 -29.69 -14.62
CA LEU B 170 -25.21 -30.04 -14.94
C LEU B 170 -24.24 -29.38 -13.98
N GLY B 171 -24.70 -29.14 -12.74
CA GLY B 171 -23.82 -28.73 -11.64
C GLY B 171 -22.85 -29.84 -11.35
N GLY B 172 -21.75 -29.52 -10.67
CA GLY B 172 -20.67 -30.50 -10.46
C GLY B 172 -21.01 -31.68 -9.59
N LEU B 173 -21.68 -31.43 -8.45
CA LEU B 173 -22.19 -32.50 -7.57
C LEU B 173 -23.17 -33.37 -8.34
N ARG B 174 -24.21 -32.77 -8.91
CA ARG B 174 -25.21 -33.53 -9.64
C ARG B 174 -24.57 -34.37 -10.74
N LEU B 175 -23.75 -33.76 -11.59
CA LEU B 175 -23.15 -34.53 -12.72
C LEU B 175 -22.25 -35.70 -12.27
N SER B 176 -21.41 -35.50 -11.26
CA SER B 176 -20.53 -36.55 -10.72
C SER B 176 -21.29 -37.73 -10.09
N GLU B 177 -22.39 -37.43 -9.42
CA GLU B 177 -23.27 -38.45 -8.84
C GLU B 177 -24.09 -39.18 -9.90
N GLN B 178 -24.70 -38.43 -10.79
CA GLN B 178 -25.51 -39.01 -11.85
CA GLN B 178 -25.51 -38.97 -11.87
C GLN B 178 -24.66 -39.82 -12.80
N SER B 179 -23.43 -39.41 -13.06
CA SER B 179 -22.54 -40.13 -13.98
C SER B 179 -21.91 -41.31 -13.28
N ASP B 180 -22.04 -41.34 -11.95
CA ASP B 180 -21.42 -42.37 -11.12
C ASP B 180 -19.90 -42.26 -11.21
N GLY B 181 -19.43 -41.02 -11.34
CA GLY B 181 -18.00 -40.72 -11.46
C GLY B 181 -17.34 -41.02 -12.82
N SER B 182 -18.11 -41.53 -13.77
CA SER B 182 -17.61 -41.77 -15.12
C SER B 182 -17.55 -40.45 -15.89
N LEU B 183 -16.33 -40.06 -16.28
CA LEU B 183 -16.11 -38.91 -17.14
C LEU B 183 -16.83 -39.04 -18.49
N GLU B 184 -16.84 -40.26 -19.03
CA GLU B 184 -17.51 -40.54 -20.32
CA GLU B 184 -17.49 -40.53 -20.31
C GLU B 184 -19.00 -40.28 -20.22
N LYS B 185 -19.62 -40.85 -19.17
CA LYS B 185 -21.06 -40.67 -18.96
C LYS B 185 -21.41 -39.23 -18.68
N ALA B 186 -20.55 -38.59 -17.88
CA ALA B 186 -20.70 -37.18 -17.54
C ALA B 186 -20.72 -36.35 -18.83
N ALA B 187 -19.81 -36.66 -19.77
CA ALA B 187 -19.75 -36.03 -21.09
C ALA B 187 -21.04 -36.26 -21.89
N THR B 188 -21.56 -37.47 -21.85
CA THR B 188 -22.78 -37.82 -22.57
C THR B 188 -24.00 -37.05 -22.02
N ILE B 189 -24.04 -36.86 -20.71
CA ILE B 189 -25.12 -36.16 -20.09
C ILE B 189 -25.03 -34.69 -20.43
N ALA B 190 -23.82 -34.13 -20.30
CA ALA B 190 -23.59 -32.69 -20.63
C ALA B 190 -23.90 -32.38 -22.08
N ARG B 191 -23.40 -33.22 -22.96
CA ARG B 191 -23.63 -33.08 -24.39
C ARG B 191 -25.12 -33.05 -24.71
N LYS B 192 -25.88 -34.03 -24.19
CA LYS B 192 -27.32 -34.13 -24.44
C LYS B 192 -28.11 -32.88 -24.00
N HIS B 193 -27.79 -32.39 -22.81
CA HIS B 193 -28.51 -31.26 -22.23
C HIS B 193 -28.16 -29.93 -22.88
N VAL B 194 -26.87 -29.78 -23.26
CA VAL B 194 -26.42 -28.62 -23.97
C VAL B 194 -27.04 -28.61 -25.36
N LYS B 195 -27.11 -29.78 -25.98
CA LYS B 195 -27.70 -29.91 -27.33
C LYS B 195 -29.12 -29.34 -27.45
N SER B 196 -29.91 -29.47 -26.39
CA SER B 196 -31.26 -28.93 -26.37
C SER B 196 -31.31 -27.41 -26.48
N PHE B 197 -30.20 -26.73 -26.20
CA PHE B 197 -30.16 -25.28 -26.25
C PHE B 197 -29.11 -24.74 -27.21
N ALA B 198 -28.88 -25.52 -28.27
CA ALA B 198 -27.92 -25.21 -29.31
C ALA B 198 -28.14 -23.83 -29.90
N LYS B 199 -29.39 -23.40 -29.98
CA LYS B 199 -29.75 -22.14 -30.60
C LYS B 199 -29.40 -20.93 -29.73
N LEU B 200 -29.84 -20.96 -28.48
CA LEU B 200 -29.47 -19.96 -27.48
C LEU B 200 -27.94 -19.79 -27.45
N LEU B 201 -27.23 -20.92 -27.45
CA LEU B 201 -25.76 -20.93 -27.31
C LEU B 201 -25.09 -20.44 -28.57
N ALA B 202 -25.63 -20.85 -29.73
CA ALA B 202 -25.09 -20.49 -31.03
C ALA B 202 -25.09 -18.98 -31.17
N ALA B 203 -26.05 -18.31 -30.55
CA ALA B 203 -26.08 -16.84 -30.55
C ALA B 203 -24.89 -16.18 -29.80
N GLY B 204 -24.09 -16.96 -29.08
CA GLY B 204 -22.90 -16.43 -28.37
C GLY B 204 -21.59 -16.50 -29.12
N GLU B 205 -21.60 -17.07 -30.33
CA GLU B 205 -20.39 -17.20 -31.13
C GLU B 205 -19.71 -15.88 -31.40
N GLY B 206 -18.40 -15.84 -31.16
CA GLY B 206 -17.60 -14.63 -31.29
C GLY B 206 -17.76 -13.61 -30.20
N ARG B 207 -18.63 -13.87 -29.23
CA ARG B 207 -18.85 -12.96 -28.12
C ARG B 207 -18.07 -13.51 -26.91
N THR B 208 -18.34 -13.01 -25.69
CA THR B 208 -17.62 -13.42 -24.52
C THR B 208 -18.49 -14.38 -23.71
N PHE B 209 -17.87 -15.46 -23.23
CA PHE B 209 -18.50 -16.34 -22.24
C PHE B 209 -18.09 -15.83 -20.85
N TYR B 210 -19.08 -15.45 -20.04
CA TYR B 210 -18.79 -15.01 -18.67
C TYR B 210 -18.96 -16.20 -17.71
N ALA B 211 -17.85 -16.67 -17.15
CA ALA B 211 -17.83 -17.89 -16.35
C ALA B 211 -17.96 -17.51 -14.86
N VAL B 212 -19.01 -18.01 -14.19
CA VAL B 212 -19.37 -17.65 -12.81
C VAL B 212 -19.39 -18.95 -11.97
N GLY B 213 -19.03 -18.85 -10.69
CA GLY B 213 -19.15 -19.94 -9.75
C GLY B 213 -17.85 -20.55 -9.26
N GLY B 214 -17.95 -21.31 -8.19
CA GLY B 214 -16.80 -21.72 -7.43
C GLY B 214 -15.93 -22.70 -8.18
N THR B 215 -16.53 -23.72 -8.77
CA THR B 215 -15.74 -24.74 -9.49
C THR B 215 -14.96 -24.11 -10.68
N TRP B 216 -15.63 -23.21 -11.40
CA TRP B 216 -15.02 -22.56 -12.55
C TRP B 216 -13.96 -21.55 -12.15
N ARG B 217 -14.23 -20.81 -11.08
CA ARG B 217 -13.22 -19.95 -10.49
C ARG B 217 -12.00 -20.76 -10.09
N ASN B 218 -12.21 -21.97 -9.59
CA ASN B 218 -11.09 -22.86 -9.27
C ASN B 218 -10.30 -23.35 -10.48
N ILE B 219 -10.99 -23.62 -11.57
CA ILE B 219 -10.33 -23.87 -12.87
C ILE B 219 -9.45 -22.66 -13.31
N ALA B 220 -9.98 -21.45 -13.19
CA ALA B 220 -9.23 -20.22 -13.49
C ALA B 220 -8.03 -20.10 -12.58
N LYS B 221 -8.20 -20.27 -11.27
CA LYS B 221 -7.06 -20.15 -10.34
C LYS B 221 -5.96 -21.13 -10.69
N LEU B 222 -6.31 -22.38 -10.93
CA LEU B 222 -5.32 -23.40 -11.29
C LEU B 222 -4.52 -23.07 -12.55
N HIS B 223 -5.20 -22.60 -13.59
CA HIS B 223 -4.54 -22.15 -14.80
C HIS B 223 -3.60 -20.97 -14.55
N MSE B 224 -4.01 -20.01 -13.72
CA MSE B 224 -3.12 -18.89 -13.35
C MSE B 224 -1.82 -19.41 -12.72
O MSE B 224 -0.74 -18.93 -13.03
CB MSE B 224 -3.75 -17.91 -12.36
CG MSE B 224 -4.82 -17.04 -12.92
SE MSE B 224 -5.65 -16.04 -11.48
CE MSE B 224 -6.31 -14.75 -12.61
N GLU B 225 -1.96 -20.34 -11.78
CA GLU B 225 -0.84 -20.93 -11.08
C GLU B 225 0.07 -21.72 -12.03
N ILE B 226 -0.49 -22.61 -12.83
CA ILE B 226 0.32 -23.47 -13.70
C ILE B 226 1.01 -22.69 -14.80
N SER B 227 0.35 -21.67 -15.34
CA SER B 227 0.96 -20.85 -16.38
C SER B 227 1.81 -19.69 -15.82
N GLY B 228 1.82 -19.56 -14.50
CA GLY B 228 2.59 -18.51 -13.86
C GLY B 228 2.06 -17.11 -14.16
N TYR B 229 0.75 -16.97 -14.29
CA TYR B 229 0.17 -15.66 -14.61
C TYR B 229 0.50 -14.65 -13.46
N PRO B 230 1.02 -13.48 -13.80
CA PRO B 230 1.52 -12.56 -12.77
C PRO B 230 0.50 -11.82 -11.87
N LEU B 231 -0.75 -11.68 -12.30
CA LEU B 231 -1.77 -10.99 -11.52
C LEU B 231 -2.88 -11.97 -11.08
N HIS B 232 -2.81 -12.38 -9.81
CA HIS B 232 -3.73 -13.38 -9.25
CA HIS B 232 -3.72 -13.39 -9.24
C HIS B 232 -5.02 -12.71 -8.84
N MSE B 233 -5.81 -12.38 -9.86
CA MSE B 233 -6.95 -11.50 -9.75
C MSE B 233 -8.05 -12.03 -10.69
O MSE B 233 -8.02 -11.81 -11.93
CB MSE B 233 -6.44 -10.15 -10.22
CG MSE B 233 -7.33 -8.97 -10.08
SE MSE B 233 -7.00 -8.10 -8.43
CE MSE B 233 -8.82 -8.11 -7.98
N MSE B 234 -9.01 -12.74 -10.10
CA MSE B 234 -10.09 -13.42 -10.84
C MSE B 234 -10.88 -12.49 -11.75
O MSE B 234 -11.06 -12.79 -12.93
CB MSE B 234 -11.05 -14.10 -9.86
CG MSE B 234 -12.05 -15.07 -10.45
SE MSE B 234 -11.12 -16.39 -11.54
CE MSE B 234 -9.89 -17.10 -10.21
N GLN B 235 -11.23 -11.33 -11.21
CA GLN B 235 -12.09 -10.41 -11.89
C GLN B 235 -11.42 -9.89 -13.16
N GLY B 236 -12.06 -10.13 -14.29
CA GLY B 236 -11.49 -9.79 -15.59
C GLY B 236 -10.38 -10.69 -16.12
N TYR B 237 -10.04 -11.77 -15.43
CA TYR B 237 -9.17 -12.80 -16.00
C TYR B 237 -9.86 -13.36 -17.22
N GLU B 238 -9.12 -13.36 -18.31
CA GLU B 238 -9.64 -13.66 -19.62
C GLU B 238 -8.69 -14.59 -20.41
N LEU B 239 -9.27 -15.63 -21.03
CA LEU B 239 -8.57 -16.53 -21.95
C LEU B 239 -9.30 -16.62 -23.31
N PRO B 240 -8.56 -16.68 -24.44
CA PRO B 240 -9.16 -17.09 -25.73
C PRO B 240 -9.75 -18.52 -25.67
N LEU B 241 -10.72 -18.78 -26.54
CA LEU B 241 -11.39 -20.06 -26.58
C LEU B 241 -10.46 -21.27 -26.62
N GLU B 242 -9.46 -21.21 -27.48
CA GLU B 242 -8.59 -22.32 -27.75
C GLU B 242 -7.66 -22.64 -26.59
N GLU B 243 -7.09 -21.63 -25.95
CA GLU B 243 -6.32 -21.82 -24.73
C GLU B 243 -7.20 -22.44 -23.65
N MSE B 244 -8.42 -21.92 -23.50
CA MSE B 244 -9.36 -22.46 -22.55
C MSE B 244 -9.71 -23.94 -22.80
O MSE B 244 -9.61 -24.74 -21.89
CB MSE B 244 -10.64 -21.61 -22.52
CG MSE B 244 -11.63 -21.99 -21.41
SE MSE B 244 -11.21 -21.43 -19.63
CE MSE B 244 -10.04 -22.94 -19.06
N LEU B 245 -10.15 -24.29 -24.02
CA LEU B 245 -10.43 -25.69 -24.40
C LEU B 245 -9.25 -26.60 -24.20
N ASN B 246 -8.07 -26.09 -24.48
CA ASN B 246 -6.86 -26.83 -24.24
C ASN B 246 -6.59 -27.16 -22.75
N PHE B 247 -6.81 -26.19 -21.88
CA PHE B 247 -6.59 -26.40 -20.46
C PHE B 247 -7.65 -27.30 -19.87
N LEU B 248 -8.89 -27.14 -20.32
CA LEU B 248 -9.97 -28.03 -19.90
C LEU B 248 -9.67 -29.50 -20.21
N GLU B 249 -9.05 -29.79 -21.35
CA GLU B 249 -8.71 -31.18 -21.68
C GLU B 249 -7.77 -31.79 -20.63
N GLU B 250 -6.83 -30.97 -20.15
CA GLU B 250 -5.90 -31.35 -19.10
C GLU B 250 -6.56 -31.57 -17.76
N VAL B 251 -7.44 -30.64 -17.36
CA VAL B 251 -8.25 -30.85 -16.16
C VAL B 251 -9.07 -32.14 -16.32
N ILE B 252 -9.69 -32.36 -17.48
CA ILE B 252 -10.56 -33.52 -17.64
C ILE B 252 -9.77 -34.82 -17.40
N VAL B 253 -8.58 -34.95 -18.00
CA VAL B 253 -7.76 -36.14 -17.85
C VAL B 253 -6.69 -36.05 -16.74
N SER B 254 -7.05 -35.51 -15.57
CA SER B 254 -6.09 -35.50 -14.46
C SER B 254 -6.31 -36.69 -13.49
N ARG B 255 -6.18 -37.89 -14.05
CA ARG B 255 -5.94 -39.11 -13.30
C ARG B 255 -4.48 -39.50 -13.59
N ASP B 256 -4.15 -39.63 -14.88
CA ASP B 256 -2.74 -39.72 -15.35
C ASP B 256 -2.46 -38.60 -16.36
N ASN B 268 -6.95 -35.33 -4.85
CA ASN B 268 -8.27 -35.81 -4.44
C ASN B 268 -9.05 -36.37 -5.63
N ARG B 269 -9.27 -37.70 -5.63
CA ARG B 269 -10.15 -38.38 -6.60
C ARG B 269 -11.64 -38.10 -6.32
N ARG B 270 -11.93 -37.36 -5.23
CA ARG B 270 -13.26 -36.78 -4.96
C ARG B 270 -13.48 -35.36 -5.56
N SER B 271 -12.65 -34.93 -6.53
CA SER B 271 -12.72 -33.55 -7.10
C SER B 271 -13.86 -33.34 -8.09
N LEU B 272 -14.50 -32.18 -7.95
CA LEU B 272 -15.51 -31.75 -8.89
C LEU B 272 -14.92 -31.11 -10.14
N LEU B 273 -13.61 -30.86 -10.16
CA LEU B 273 -12.99 -30.03 -11.23
C LEU B 273 -13.15 -30.61 -12.65
N PRO B 274 -12.90 -31.90 -12.84
CA PRO B 274 -13.13 -32.56 -14.13
C PRO B 274 -14.56 -32.52 -14.65
N PHE B 275 -15.51 -32.61 -13.75
CA PHE B 275 -16.92 -32.62 -14.12
C PHE B 275 -17.34 -31.24 -14.49
N GLY B 276 -16.87 -30.26 -13.70
CA GLY B 276 -16.95 -28.85 -14.08
C GLY B 276 -16.27 -28.53 -15.40
N ALA B 277 -15.11 -29.13 -15.66
CA ALA B 277 -14.38 -28.96 -16.91
C ALA B 277 -15.20 -29.47 -18.11
N ILE B 278 -15.86 -30.61 -17.93
CA ILE B 278 -16.75 -31.18 -18.93
C ILE B 278 -17.99 -30.32 -19.20
N ALA B 279 -18.62 -29.82 -18.13
CA ALA B 279 -19.74 -28.90 -18.28
C ALA B 279 -19.34 -27.72 -19.19
N MSE B 280 -18.21 -27.08 -18.89
CA MSE B 280 -17.79 -25.85 -19.61
C MSE B 280 -17.40 -26.14 -21.05
O MSE B 280 -17.77 -25.40 -21.94
CB MSE B 280 -16.61 -25.18 -18.91
CG MSE B 280 -16.50 -23.69 -19.32
SE MSE B 280 -14.85 -22.81 -19.06
CE MSE B 280 -14.95 -22.48 -17.36
N ARG B 281 -16.66 -27.21 -21.27
CA ARG B 281 -16.30 -27.69 -22.60
C ARG B 281 -17.50 -27.94 -23.52
N GLU B 282 -18.56 -28.52 -22.97
CA GLU B 282 -19.75 -28.79 -23.79
C GLU B 282 -20.45 -27.52 -24.17
N VAL B 283 -20.51 -26.53 -23.26
CA VAL B 283 -21.06 -25.20 -23.55
C VAL B 283 -20.24 -24.44 -24.61
N LEU B 284 -18.92 -24.43 -24.45
CA LEU B 284 -18.00 -23.70 -25.32
C LEU B 284 -17.95 -24.26 -26.75
N ARG B 285 -18.09 -25.60 -26.86
CA ARG B 285 -18.24 -26.27 -28.15
C ARG B 285 -19.52 -25.91 -28.85
N ALA B 286 -20.63 -25.71 -28.13
CA ALA B 286 -21.87 -25.24 -28.75
C ALA B 286 -21.90 -23.72 -29.01
N MSE B 287 -21.15 -22.95 -28.22
CA MSE B 287 -21.21 -21.50 -28.27
C MSE B 287 -20.13 -20.92 -29.19
O MSE B 287 -20.42 -20.08 -29.99
CB MSE B 287 -21.07 -20.94 -26.87
CG MSE B 287 -21.13 -19.41 -26.77
SE MSE B 287 -20.86 -18.85 -25.04
CE MSE B 287 -20.99 -16.72 -25.36
N LYS B 288 -18.90 -21.42 -29.06
CA LYS B 288 -17.76 -20.85 -29.77
C LYS B 288 -17.60 -19.34 -29.58
N PRO B 289 -17.47 -18.90 -28.34
CA PRO B 289 -17.15 -17.52 -28.05
C PRO B 289 -15.72 -17.23 -28.45
N ALA B 290 -15.40 -15.96 -28.70
CA ALA B 290 -14.04 -15.58 -28.94
C ALA B 290 -13.18 -15.85 -27.67
N LYS B 291 -13.73 -15.51 -26.50
CA LYS B 291 -13.00 -15.62 -25.23
C LYS B 291 -13.88 -15.94 -24.02
N ILE B 292 -13.21 -16.36 -22.94
CA ILE B 292 -13.82 -16.65 -21.65
C ILE B 292 -13.28 -15.67 -20.62
N ALA B 293 -14.20 -14.90 -20.00
CA ALA B 293 -13.87 -13.89 -18.96
C ALA B 293 -14.43 -14.39 -17.67
N PHE B 294 -13.57 -14.51 -16.65
CA PHE B 294 -14.02 -14.88 -15.30
C PHE B 294 -14.56 -13.74 -14.44
N SER B 295 -15.58 -14.07 -13.68
CA SER B 295 -16.31 -13.14 -12.80
C SER B 295 -16.14 -13.65 -11.38
N ALA B 296 -15.59 -12.80 -10.52
CA ALA B 296 -15.65 -13.04 -9.09
C ALA B 296 -17.10 -12.80 -8.55
N GLN B 297 -17.88 -12.00 -9.27
CA GLN B 297 -19.24 -11.69 -8.88
C GLN B 297 -20.25 -12.74 -9.39
N GLY B 298 -21.25 -13.05 -8.55
CA GLY B 298 -22.25 -14.07 -8.84
C GLY B 298 -23.64 -13.70 -8.36
N VAL B 299 -24.43 -14.72 -8.02
CA VAL B 299 -25.82 -14.55 -7.59
C VAL B 299 -25.90 -13.59 -6.44
N ARG B 300 -24.98 -13.73 -5.48
CA ARG B 300 -25.02 -12.92 -4.27
C ARG B 300 -24.84 -11.43 -4.59
N GLU B 301 -23.84 -11.11 -5.40
CA GLU B 301 -23.60 -9.76 -5.83
C GLU B 301 -24.70 -9.22 -6.74
N GLY B 302 -25.25 -10.10 -7.58
CA GLY B 302 -26.38 -9.70 -8.41
C GLY B 302 -27.63 -9.38 -7.61
N TYR B 303 -27.91 -10.20 -6.60
CA TYR B 303 -28.97 -9.89 -5.62
C TYR B 303 -28.78 -8.49 -4.99
N LEU B 304 -27.59 -8.19 -4.51
CA LEU B 304 -27.36 -6.85 -3.90
C LEU B 304 -27.51 -5.71 -4.92
N TYR B 305 -26.99 -5.93 -6.12
CA TYR B 305 -27.20 -5.02 -7.25
C TYR B 305 -28.67 -4.64 -7.44
N SER B 306 -29.53 -5.62 -7.32
CA SER B 306 -30.96 -5.35 -7.46
C SER B 306 -31.59 -4.50 -6.34
N LEU B 307 -30.91 -4.41 -5.19
CA LEU B 307 -31.38 -3.65 -4.04
C LEU B 307 -30.86 -2.23 -4.04
N LEU B 308 -29.86 -1.89 -4.87
CA LEU B 308 -29.30 -0.56 -4.93
C LEU B 308 -30.37 0.34 -5.52
N THR B 309 -30.13 1.65 -5.55
CA THR B 309 -31.01 2.55 -6.22
C THR B 309 -30.62 2.59 -7.70
N GLU B 310 -31.49 3.18 -8.50
CA GLU B 310 -31.26 3.24 -9.92
C GLU B 310 -29.97 4.01 -10.18
N ALA B 311 -29.83 5.18 -9.54
CA ALA B 311 -28.65 6.03 -9.68
C ALA B 311 -27.34 5.31 -9.37
N GLU B 312 -27.35 4.44 -8.35
CA GLU B 312 -26.21 3.60 -7.98
C GLU B 312 -25.93 2.48 -9.00
N ARG B 313 -26.97 1.85 -9.51
CA ARG B 313 -26.81 0.92 -10.60
C ARG B 313 -26.17 1.57 -11.82
N GLU B 314 -26.60 2.79 -12.12
CA GLU B 314 -26.07 3.55 -13.24
C GLU B 314 -24.65 4.04 -13.03
N SER B 315 -24.24 4.28 -11.79
CA SER B 315 -22.90 4.79 -11.53
C SER B 315 -21.86 3.74 -11.96
N ASP B 316 -20.67 4.24 -12.27
CA ASP B 316 -19.54 3.45 -12.70
C ASP B 316 -18.73 2.92 -11.51
N PRO B 317 -18.79 1.61 -11.22
CA PRO B 317 -18.17 1.08 -9.99
C PRO B 317 -16.64 1.31 -9.87
N LEU B 318 -15.94 1.40 -11.00
CA LEU B 318 -14.51 1.77 -11.03
C LEU B 318 -14.29 3.22 -10.60
N LEU B 319 -15.02 4.15 -11.19
CA LEU B 319 -14.89 5.56 -10.81
C LEU B 319 -15.39 5.79 -9.37
N VAL B 320 -16.42 5.06 -8.92
CA VAL B 320 -16.87 5.15 -7.54
C VAL B 320 -15.79 4.65 -6.58
N ALA B 321 -15.21 3.47 -6.84
CA ALA B 321 -14.14 2.98 -5.97
C ALA B 321 -12.88 3.85 -5.95
N ALA B 322 -12.49 4.39 -7.11
CA ALA B 322 -11.35 5.31 -7.26
C ALA B 322 -11.57 6.63 -6.51
N ASP B 323 -12.76 7.19 -6.64
CA ASP B 323 -13.10 8.39 -5.87
C ASP B 323 -13.12 8.10 -4.37
N GLU B 324 -13.61 6.93 -3.94
CA GLU B 324 -13.61 6.56 -2.52
C GLU B 324 -12.20 6.49 -1.94
N LEU B 325 -11.29 5.90 -2.69
CA LEU B 325 -9.88 5.86 -2.31
C LEU B 325 -9.22 7.24 -2.20
N ALA B 326 -9.57 8.17 -3.11
CA ALA B 326 -9.15 9.56 -3.01
C ALA B 326 -9.69 10.17 -1.72
N ILE B 327 -10.99 9.97 -1.43
CA ILE B 327 -11.62 10.46 -0.20
C ILE B 327 -10.88 9.94 1.01
N LEU B 328 -10.50 8.66 0.95
CA LEU B 328 -9.82 8.03 2.07
C LEU B 328 -8.36 8.37 2.26
N ARG B 329 -7.63 8.69 1.17
CA ARG B 329 -6.15 8.72 1.20
CA ARG B 329 -6.15 8.73 1.18
C ARG B 329 -5.49 9.98 0.64
N ALA B 330 -6.10 10.61 -0.35
CA ALA B 330 -5.48 11.79 -0.99
C ALA B 330 -5.31 12.99 -0.05
N ARG B 331 -4.41 13.90 -0.37
CA ARG B 331 -4.32 15.16 0.40
C ARG B 331 -5.56 16.01 0.12
N SER B 332 -6.11 15.91 -1.08
CA SER B 332 -7.31 16.61 -1.48
C SER B 332 -8.12 15.81 -2.49
N PRO B 333 -9.22 15.19 -2.03
CA PRO B 333 -10.17 14.58 -2.96
C PRO B 333 -10.63 15.54 -4.05
N GLU B 334 -10.84 16.79 -3.68
CA GLU B 334 -11.31 17.82 -4.62
C GLU B 334 -10.31 18.04 -5.73
N HIS B 335 -9.02 18.04 -5.39
CA HIS B 335 -7.98 18.12 -6.40
C HIS B 335 -7.91 16.88 -7.33
N ALA B 336 -8.15 15.70 -6.77
CA ALA B 336 -8.19 14.46 -7.54
C ALA B 336 -9.23 14.55 -8.67
N ARG B 337 -10.38 15.14 -8.38
CA ARG B 337 -11.45 15.36 -9.40
C ARG B 337 -11.14 16.46 -10.42
N GLU B 338 -10.55 17.55 -9.96
CA GLU B 338 -9.96 18.57 -10.83
C GLU B 338 -9.07 17.99 -11.92
N LEU B 339 -8.16 17.11 -11.51
CA LEU B 339 -7.20 16.49 -12.40
C LEU B 339 -7.88 15.69 -13.46
N ALA B 340 -8.87 14.89 -13.04
CA ALA B 340 -9.63 14.03 -13.95
C ALA B 340 -10.27 14.87 -15.06
N ASP B 341 -10.90 15.98 -14.70
CA ASP B 341 -11.51 16.88 -15.70
C ASP B 341 -10.46 17.57 -16.55
N TRP B 342 -9.38 18.02 -15.91
CA TRP B 342 -8.31 18.75 -16.58
C TRP B 342 -7.59 17.90 -17.64
N SER B 343 -7.25 16.68 -17.27
CA SER B 343 -6.63 15.74 -18.22
C SER B 343 -7.60 15.42 -19.36
N GLY B 344 -8.89 15.32 -19.02
CA GLY B 344 -9.93 15.23 -20.05
C GLY B 344 -9.89 16.30 -21.13
N ARG B 345 -9.70 17.55 -20.71
CA ARG B 345 -9.65 18.68 -21.63
C ARG B 345 -8.33 18.76 -22.39
N THR B 346 -7.25 18.27 -21.79
CA THR B 346 -5.92 18.40 -22.34
C THR B 346 -5.64 17.35 -23.40
N PHE B 347 -6.01 16.10 -23.12
CA PHE B 347 -5.73 14.99 -24.05
C PHE B 347 -6.04 15.26 -25.55
N PRO B 348 -7.23 15.81 -25.87
CA PRO B 348 -7.54 16.17 -27.26
C PRO B 348 -6.61 17.23 -27.88
N VAL B 349 -6.07 18.12 -27.06
CA VAL B 349 -5.07 19.09 -27.50
C VAL B 349 -3.76 18.39 -27.91
N PHE B 350 -3.45 17.25 -27.30
CA PHE B 350 -2.31 16.43 -27.74
C PHE B 350 -2.69 15.42 -28.82
N GLY B 351 -3.87 15.61 -29.40
CA GLY B 351 -4.33 14.82 -30.52
C GLY B 351 -4.79 13.43 -30.16
N ILE B 352 -4.95 13.15 -28.87
CA ILE B 352 -5.36 11.83 -28.42
C ILE B 352 -6.86 11.71 -28.55
N ASP B 353 -7.27 10.75 -29.37
CA ASP B 353 -8.66 10.46 -29.62
C ASP B 353 -8.95 9.19 -28.83
N GLU B 354 -9.52 9.33 -27.65
CA GLU B 354 -9.64 8.17 -26.77
C GLU B 354 -11.02 7.50 -26.84
N THR B 355 -11.01 6.18 -26.71
CA THR B 355 -12.23 5.43 -26.53
C THR B 355 -12.86 5.76 -25.17
N GLU B 356 -14.11 5.39 -24.98
CA GLU B 356 -14.76 5.64 -23.69
CA GLU B 356 -14.78 5.61 -23.69
C GLU B 356 -14.12 4.78 -22.58
N GLU B 357 -13.61 3.60 -22.95
CA GLU B 357 -12.90 2.72 -21.98
C GLU B 357 -11.61 3.40 -21.51
N GLU B 358 -10.87 3.98 -22.47
CA GLU B 358 -9.66 4.75 -22.21
C GLU B 358 -9.88 5.98 -21.33
N SER B 359 -10.92 6.74 -21.62
CA SER B 359 -11.30 7.90 -20.82
C SER B 359 -11.64 7.54 -19.38
N ARG B 360 -12.38 6.43 -19.21
CA ARG B 360 -12.73 5.90 -17.89
C ARG B 360 -11.50 5.62 -17.05
N TYR B 361 -10.54 4.93 -17.67
CA TYR B 361 -9.28 4.56 -17.06
C TYR B 361 -8.39 5.77 -16.72
N ARG B 362 -8.33 6.78 -17.61
CA ARG B 362 -7.61 8.01 -17.33
C ARG B 362 -8.22 8.72 -16.13
N GLN B 363 -9.56 8.85 -16.10
CA GLN B 363 -10.22 9.45 -14.96
C GLN B 363 -9.86 8.71 -13.67
N ALA B 364 -9.89 7.37 -13.71
CA ALA B 364 -9.59 6.56 -12.53
C ALA B 364 -8.18 6.84 -12.08
N ALA B 365 -7.25 6.90 -13.04
CA ALA B 365 -5.83 7.10 -12.78
C ALA B 365 -5.61 8.41 -12.04
N CYS B 366 -6.29 9.47 -12.47
CA CYS B 366 -6.25 10.80 -11.85
C CYS B 366 -6.86 10.84 -10.44
N LEU B 367 -7.96 10.12 -10.25
CA LEU B 367 -8.58 9.97 -8.93
C LEU B 367 -7.67 9.24 -7.94
N LEU B 368 -6.84 8.33 -8.46
CA LEU B 368 -5.89 7.55 -7.67
C LEU B 368 -4.49 8.11 -7.57
N ALA B 369 -4.23 9.29 -8.16
CA ALA B 369 -2.86 9.82 -8.27
C ALA B 369 -2.18 10.25 -6.96
N ASP B 370 -2.93 10.41 -5.88
CA ASP B 370 -2.31 10.90 -4.66
C ASP B 370 -2.45 9.95 -3.48
N ILE B 371 -2.63 8.66 -3.75
CA ILE B 371 -2.99 7.73 -2.69
C ILE B 371 -1.81 7.22 -1.86
N SER B 372 -0.59 7.45 -2.32
CA SER B 372 0.61 6.90 -1.69
C SER B 372 1.49 7.99 -1.10
N TRP B 373 0.93 9.19 -0.89
CA TRP B 373 1.72 10.37 -0.52
C TRP B 373 2.52 10.31 0.79
N ARG B 374 2.06 9.47 1.72
CA ARG B 374 2.70 9.30 3.01
C ARG B 374 3.89 8.36 2.95
N ALA B 375 4.05 7.68 1.82
CA ALA B 375 5.15 6.75 1.63
C ALA B 375 6.44 7.53 1.55
N HIS B 376 7.49 6.94 2.08
CA HIS B 376 8.84 7.47 1.90
C HIS B 376 9.04 7.83 0.41
N PRO B 377 9.61 9.01 0.12
CA PRO B 377 9.67 9.53 -1.25
C PRO B 377 10.25 8.60 -2.31
N ASP B 378 11.16 7.72 -1.90
CA ASP B 378 11.82 6.78 -2.81
C ASP B 378 10.88 5.67 -3.28
N TYR B 379 9.80 5.47 -2.53
CA TYR B 379 8.88 4.38 -2.77
C TYR B 379 7.45 4.82 -3.09
N ARG B 380 7.23 6.13 -3.31
CA ARG B 380 5.86 6.60 -3.61
C ARG B 380 5.34 5.99 -4.91
N GLY B 381 6.18 5.93 -5.93
CA GLY B 381 5.79 5.35 -7.22
C GLY B 381 5.47 3.89 -7.11
N LEU B 382 6.34 3.15 -6.43
CA LEU B 382 6.20 1.71 -6.27
C LEU B 382 4.98 1.37 -5.43
N GLN B 383 4.72 2.15 -4.39
CA GLN B 383 3.55 1.92 -3.54
C GLN B 383 2.23 2.20 -4.27
N ALA B 384 2.20 3.28 -5.04
CA ALA B 384 1.07 3.56 -5.91
C ALA B 384 0.78 2.37 -6.82
N LEU B 385 1.81 1.92 -7.52
CA LEU B 385 1.71 0.82 -8.46
C LEU B 385 1.11 -0.42 -7.82
N ASN B 386 1.65 -0.84 -6.69
CA ASN B 386 1.13 -1.99 -5.96
C ASN B 386 -0.29 -1.83 -5.40
N ILE B 387 -0.60 -0.69 -4.77
CA ILE B 387 -1.94 -0.49 -4.20
C ILE B 387 -2.97 -0.50 -5.33
N ILE B 388 -2.63 0.12 -6.45
CA ILE B 388 -3.56 0.20 -7.56
C ILE B 388 -3.76 -1.17 -8.17
N ALA B 389 -2.66 -1.89 -8.37
CA ALA B 389 -2.70 -3.20 -8.98
C ALA B 389 -3.41 -4.23 -8.12
N HIS B 390 -3.39 -4.07 -6.80
CA HIS B 390 -3.96 -5.09 -5.89
C HIS B 390 -5.32 -4.73 -5.26
N SER B 391 -5.96 -3.69 -5.80
CA SER B 391 -7.24 -3.24 -5.29
C SER B 391 -8.32 -4.05 -5.95
N SER B 392 -9.42 -4.23 -5.24
CA SER B 392 -10.51 -5.04 -5.74
C SER B 392 -11.43 -4.25 -6.65
N PHE B 393 -10.90 -3.53 -7.62
CA PHE B 393 -11.76 -2.88 -8.62
C PHE B 393 -12.57 -3.89 -9.40
N VAL B 394 -13.76 -3.48 -9.90
CA VAL B 394 -14.55 -4.21 -10.91
C VAL B 394 -14.65 -3.31 -12.15
N ALA B 395 -15.16 -3.85 -13.26
CA ALA B 395 -15.39 -3.06 -14.48
C ALA B 395 -14.09 -2.42 -15.03
N ILE B 396 -13.01 -3.17 -14.87
CA ILE B 396 -11.69 -2.81 -15.41
C ILE B 396 -11.02 -4.11 -15.91
N THR B 397 -10.42 -4.05 -17.09
CA THR B 397 -9.71 -5.21 -17.62
C THR B 397 -8.31 -5.27 -17.00
N HIS B 398 -7.62 -6.40 -17.13
CA HIS B 398 -6.25 -6.49 -16.69
C HIS B 398 -5.31 -5.50 -17.37
N PRO B 399 -5.39 -5.32 -18.70
CA PRO B 399 -4.62 -4.23 -19.30
C PRO B 399 -4.94 -2.84 -18.73
N GLY B 400 -6.21 -2.58 -18.43
CA GLY B 400 -6.66 -1.36 -17.77
C GLY B 400 -6.05 -1.17 -16.38
N ARG B 401 -5.93 -2.22 -15.57
CA ARG B 401 -5.21 -2.15 -14.31
C ARG B 401 -3.78 -1.74 -14.54
N ALA B 402 -3.13 -2.41 -15.49
CA ALA B 402 -1.76 -2.09 -15.84
C ALA B 402 -1.64 -0.63 -16.23
N TYR B 403 -2.57 -0.15 -17.05
CA TYR B 403 -2.56 1.27 -17.46
C TYR B 403 -2.58 2.22 -16.24
N ILE B 404 -3.51 2.00 -15.33
CA ILE B 404 -3.71 2.93 -14.22
C ILE B 404 -2.53 2.86 -13.23
N ALA B 405 -2.01 1.68 -12.99
CA ALA B 405 -0.80 1.47 -12.17
C ALA B 405 0.42 2.19 -12.77
N LEU B 406 0.58 2.04 -14.08
CA LEU B 406 1.69 2.63 -14.81
C LEU B 406 1.68 4.14 -14.82
N ALA B 407 0.53 4.73 -15.14
CA ALA B 407 0.41 6.16 -15.27
C ALA B 407 0.88 6.82 -13.98
N ASN B 408 0.55 6.21 -12.86
CA ASN B 408 0.86 6.72 -11.53
C ASN B 408 2.25 6.39 -11.03
N TYR B 409 2.83 5.28 -11.48
CA TYR B 409 4.23 5.00 -11.31
C TYR B 409 5.08 6.00 -12.09
N TYR B 410 4.80 6.13 -13.39
CA TYR B 410 5.53 7.08 -14.23
C TYR B 410 5.47 8.50 -13.70
N ARG B 411 4.38 8.87 -13.04
CA ARG B 411 4.27 10.23 -12.55
C ARG B 411 5.28 10.50 -11.44
N PHE B 412 5.57 9.50 -10.63
CA PHE B 412 6.58 9.61 -9.58
C PHE B 412 8.00 9.35 -10.07
N GLU B 413 8.21 8.33 -10.90
CA GLU B 413 9.56 7.86 -11.19
C GLU B 413 10.07 8.25 -12.57
N GLY B 414 9.32 9.09 -13.28
CA GLY B 414 9.74 9.56 -14.60
C GLY B 414 9.33 8.61 -15.70
N LEU B 415 9.53 9.05 -16.94
CA LEU B 415 8.96 8.40 -18.11
C LEU B 415 9.86 7.28 -18.64
N ASN B 416 10.96 7.04 -17.93
CA ASN B 416 11.83 5.92 -18.22
C ASN B 416 11.13 4.63 -17.90
N ASP B 417 11.41 3.59 -18.68
CA ASP B 417 10.98 2.24 -18.34
C ASP B 417 12.11 1.52 -17.61
N ASN B 418 11.74 0.57 -16.77
CA ASN B 418 12.69 -0.21 -16.01
C ASN B 418 12.16 -1.63 -15.80
N GLY B 419 12.74 -2.37 -14.88
CA GLY B 419 12.33 -3.76 -14.65
C GLY B 419 11.05 -3.95 -13.88
N THR B 420 10.62 -2.92 -13.15
CA THR B 420 9.35 -3.02 -12.42
C THR B 420 8.17 -2.54 -13.30
N THR B 421 8.43 -1.67 -14.29
CA THR B 421 7.41 -1.28 -15.27
C THR B 421 7.23 -2.31 -16.40
N GLU B 422 8.29 -3.03 -16.74
CA GLU B 422 8.26 -3.98 -17.88
C GLU B 422 7.01 -4.88 -17.98
N PRO B 423 6.76 -5.72 -16.94
CA PRO B 423 5.64 -6.64 -16.99
C PRO B 423 4.24 -5.98 -17.05
N LEU B 424 4.09 -4.81 -16.43
CA LEU B 424 2.85 -4.05 -16.54
C LEU B 424 2.71 -3.49 -17.94
N ALA B 425 3.83 -3.05 -18.49
CA ALA B 425 3.90 -2.60 -19.86
C ALA B 425 3.50 -3.72 -20.83
N ALA B 426 3.96 -4.94 -20.57
CA ALA B 426 3.57 -6.10 -21.39
C ALA B 426 2.07 -6.43 -21.23
N MSE B 427 1.52 -6.30 -20.03
CA MSE B 427 0.06 -6.49 -19.84
C MSE B 427 -0.78 -5.35 -20.45
O MSE B 427 -1.83 -5.58 -21.04
CB MSE B 427 -0.23 -6.71 -18.35
CG MSE B 427 -1.67 -7.02 -18.01
SE MSE B 427 -1.82 -7.32 -16.10
CE MSE B 427 -0.81 -9.18 -15.96
N ALA B 428 -0.30 -4.11 -20.33
CA ALA B 428 -1.08 -2.96 -20.86
C ALA B 428 -1.14 -2.99 -22.38
N GLY B 429 -0.03 -3.32 -23.02
CA GLY B 429 0.09 -3.21 -24.48
C GLY B 429 0.53 -1.80 -24.81
N GLU B 430 0.91 -1.58 -26.06
CA GLU B 430 1.63 -0.37 -26.45
C GLU B 430 0.81 0.91 -26.34
N ARG B 431 -0.42 0.85 -26.82
CA ARG B 431 -1.32 2.02 -26.81
C ARG B 431 -1.58 2.53 -25.38
N LEU B 432 -1.86 1.63 -24.43
CA LEU B 432 -2.17 2.02 -23.06
C LEU B 432 -0.90 2.44 -22.32
N GLN B 433 0.21 1.77 -22.62
CA GLN B 433 1.50 2.20 -22.07
C GLN B 433 1.86 3.62 -22.50
N GLU B 434 1.62 3.96 -23.75
CA GLU B 434 1.91 5.29 -24.28
CA GLU B 434 2.00 5.30 -24.17
C GLU B 434 1.00 6.34 -23.64
N LEU B 435 -0.29 6.03 -23.58
CA LEU B 435 -1.24 6.94 -22.94
C LEU B 435 -0.90 7.13 -21.47
N GLY B 436 -0.32 6.11 -20.85
CA GLY B 436 0.11 6.18 -19.45
C GLY B 436 1.29 7.12 -19.23
N LYS B 437 2.30 6.99 -20.09
CA LYS B 437 3.42 7.91 -20.11
C LYS B 437 2.96 9.34 -20.28
N LEU B 438 2.02 9.55 -21.20
CA LEU B 438 1.47 10.89 -21.47
C LEU B 438 0.81 11.49 -20.23
N LEU B 439 -0.05 10.71 -19.56
CA LEU B 439 -0.69 11.16 -18.32
C LEU B 439 0.35 11.42 -17.23
N GLY B 440 1.27 10.47 -17.00
CA GLY B 440 2.37 10.66 -16.02
C GLY B 440 3.20 11.90 -16.33
N GLY B 441 3.52 12.10 -17.61
CA GLY B 441 4.16 13.32 -18.07
C GLY B 441 3.38 14.59 -17.80
N LEU B 442 2.08 14.57 -18.09
CA LEU B 442 1.23 15.74 -17.87
C LEU B 442 1.08 16.08 -16.38
N LEU B 443 0.94 15.07 -15.54
CA LEU B 443 0.72 15.29 -14.09
C LEU B 443 1.94 15.88 -13.40
N ARG B 444 3.13 15.54 -13.89
CA ARG B 444 4.39 16.09 -13.38
C ARG B 444 4.54 17.62 -13.60
N VAL B 445 4.28 18.09 -14.83
CA VAL B 445 4.22 19.53 -15.09
C VAL B 445 3.18 20.21 -14.15
N VAL B 446 2.01 19.60 -13.97
CA VAL B 446 0.93 20.20 -13.14
C VAL B 446 1.27 20.28 -11.65
N TYR B 447 1.94 19.26 -11.12
CA TYR B 447 2.21 19.17 -9.65
C TYR B 447 3.12 20.30 -9.17
N LEU B 448 3.97 20.80 -10.07
CA LEU B 448 4.84 21.94 -9.79
C LEU B 448 4.08 23.22 -9.50
N PHE B 449 2.83 23.30 -9.93
CA PHE B 449 1.97 24.44 -9.61
C PHE B 449 0.98 24.13 -8.48
N SER B 450 0.57 22.88 -8.36
CA SER B 450 -0.57 22.52 -7.50
C SER B 450 -0.21 22.02 -6.08
N ALA B 451 0.99 21.46 -5.88
CA ALA B 451 1.32 20.76 -4.62
C ALA B 451 0.27 19.71 -4.24
N SER B 452 -0.50 19.24 -5.23
CA SER B 452 -1.63 18.33 -5.04
C SER B 452 -2.83 18.94 -4.27
N MSE B 453 -2.98 20.25 -4.40
CA MSE B 453 -4.06 20.94 -3.75
C MSE B 453 -4.83 21.68 -4.81
O MSE B 453 -4.31 21.97 -5.88
CB MSE B 453 -3.52 21.90 -2.69
CG MSE B 453 -2.86 21.16 -1.53
SE MSE B 453 -4.14 20.22 -0.45
CE MSE B 453 -4.68 21.70 0.72
N PRO B 454 -6.10 21.98 -4.51
CA PRO B 454 -6.95 22.57 -5.56
C PRO B 454 -6.72 24.06 -5.80
N GLY B 455 -7.38 24.60 -6.84
CA GLY B 455 -7.41 26.04 -7.11
C GLY B 455 -6.46 26.53 -8.18
N VAL B 456 -5.52 25.68 -8.58
CA VAL B 456 -4.44 26.05 -9.48
C VAL B 456 -4.59 25.46 -10.89
N VAL B 457 -4.91 24.17 -10.98
CA VAL B 457 -4.74 23.44 -12.25
C VAL B 457 -5.67 23.95 -13.39
N ASP B 458 -6.84 24.50 -13.06
CA ASP B 458 -7.74 25.07 -14.08
C ASP B 458 -7.24 26.36 -14.72
N HIS B 459 -6.17 26.97 -14.17
CA HIS B 459 -5.51 28.12 -14.80
C HIS B 459 -4.29 27.73 -15.64
N LEU B 460 -4.01 26.43 -15.74
CA LEU B 460 -2.99 25.93 -16.62
C LEU B 460 -3.67 25.32 -17.85
N LYS B 461 -3.10 25.57 -19.04
CA LYS B 461 -3.65 25.03 -20.29
C LYS B 461 -2.63 24.92 -21.44
N PHE B 462 -2.79 23.87 -22.25
CA PHE B 462 -2.11 23.76 -23.52
C PHE B 462 -3.05 24.27 -24.62
N ARG B 463 -2.48 24.80 -25.69
CA ARG B 463 -3.25 25.23 -26.85
C ARG B 463 -2.39 25.21 -28.09
N LYS B 464 -3.02 25.46 -29.24
CA LYS B 464 -2.31 25.55 -30.52
C LYS B 464 -1.55 26.87 -30.63
N SER B 465 -0.53 26.89 -31.50
CA SER B 465 0.24 28.09 -31.80
C SER B 465 -0.04 28.59 -33.22
N ASP B 466 0.01 29.91 -33.40
CA ASP B 466 0.12 30.50 -34.73
C ASP B 466 1.56 30.38 -35.25
N ASN B 467 2.53 30.26 -34.33
CA ASN B 467 3.93 30.10 -34.71
C ASN B 467 4.08 28.80 -35.52
N PRO B 468 4.56 28.91 -36.78
CA PRO B 468 4.85 27.71 -37.58
C PRO B 468 5.86 26.75 -36.95
N ASP B 469 6.77 27.28 -36.11
CA ASP B 469 7.85 26.52 -35.46
C ASP B 469 7.54 26.16 -33.99
N ILE B 470 6.23 26.06 -33.65
CA ILE B 470 5.74 25.62 -32.32
C ILE B 470 4.45 24.83 -32.52
N ASP B 471 4.34 23.65 -31.91
CA ASP B 471 3.13 22.84 -32.04
C ASP B 471 2.10 23.16 -30.96
N LEU B 472 2.52 23.19 -29.69
CA LEU B 472 1.62 23.53 -28.59
C LEU B 472 2.25 24.55 -27.68
N GLU B 473 1.44 25.42 -27.10
CA GLU B 473 1.89 26.41 -26.12
C GLU B 473 1.26 26.10 -24.77
N PHE B 474 2.08 26.01 -23.72
CA PHE B 474 1.59 25.85 -22.33
C PHE B 474 1.42 27.23 -21.69
N VAL B 475 0.20 27.56 -21.28
CA VAL B 475 -0.14 28.90 -20.82
C VAL B 475 -0.48 28.96 -19.34
N VAL B 476 0.32 29.76 -18.62
CA VAL B 476 0.23 30.00 -17.18
C VAL B 476 -0.11 31.46 -16.94
N PRO B 477 -0.91 31.79 -15.90
CA PRO B 477 -1.09 33.21 -15.55
C PRO B 477 0.22 33.85 -15.11
N HIS B 478 0.34 35.17 -15.33
CA HIS B 478 1.49 35.95 -14.83
C HIS B 478 1.53 35.89 -13.29
N ASP B 479 0.37 35.76 -12.64
CA ASP B 479 0.28 35.40 -11.22
C ASP B 479 1.26 34.29 -10.82
N TYR B 480 1.20 33.17 -11.53
CA TYR B 480 1.95 31.95 -11.19
C TYR B 480 3.40 31.94 -11.70
N CYS B 481 4.01 33.10 -11.88
CA CYS B 481 5.34 33.12 -12.46
C CYS B 481 6.41 32.70 -11.45
N ASP B 482 6.12 32.84 -10.15
CA ASP B 482 7.09 32.44 -9.11
C ASP B 482 7.21 30.89 -8.94
N PHE B 483 6.20 30.12 -9.37
CA PHE B 483 6.29 28.64 -9.42
C PHE B 483 7.27 28.21 -10.51
N ALA B 484 7.44 29.08 -11.51
CA ALA B 484 8.18 28.78 -12.73
C ALA B 484 9.69 28.73 -12.54
N GLY B 485 10.35 28.16 -13.57
CA GLY B 485 11.82 28.14 -13.67
C GLY B 485 12.38 26.89 -14.35
N GLU B 486 13.63 26.60 -14.01
CA GLU B 486 14.44 25.43 -14.49
C GLU B 486 13.73 24.07 -14.44
N ARG B 487 12.92 23.88 -13.41
CA ARG B 487 12.27 22.59 -13.15
C ARG B 487 11.09 22.36 -14.10
N LEU B 488 10.20 23.34 -14.18
CA LEU B 488 9.14 23.34 -15.20
C LEU B 488 9.70 23.07 -16.60
N ASP B 489 10.75 23.80 -16.98
CA ASP B 489 11.31 23.71 -18.33
C ASP B 489 11.90 22.32 -18.61
N GLY B 490 12.36 21.66 -17.55
CA GLY B 490 12.89 20.29 -17.66
C GLY B 490 11.76 19.34 -17.97
N ARG B 491 10.72 19.41 -17.15
CA ARG B 491 9.58 18.50 -17.25
C ARG B 491 8.68 18.79 -18.45
N LEU B 492 8.80 20.00 -18.99
CA LEU B 492 8.10 20.43 -20.19
C LEU B 492 8.84 19.92 -21.43
N GLN B 493 10.18 19.92 -21.35
CA GLN B 493 11.02 19.37 -22.43
C GLN B 493 10.85 17.83 -22.51
N GLN B 494 10.76 17.17 -21.35
CA GLN B 494 10.44 15.73 -21.33
C GLN B 494 9.11 15.38 -22.03
N LEU B 495 8.11 16.23 -21.83
CA LEU B 495 6.79 16.04 -22.44
C LEU B 495 6.89 16.18 -23.96
N ALA B 496 7.51 17.29 -24.40
CA ALA B 496 7.76 17.56 -25.82
C ALA B 496 8.52 16.43 -26.50
N LYS B 497 9.51 15.90 -25.79
CA LYS B 497 10.26 14.73 -26.27
C LYS B 497 9.30 13.57 -26.50
N LEU B 498 8.58 13.18 -25.45
CA LEU B 498 7.64 12.04 -25.47
C LEU B 498 6.63 12.20 -26.61
N THR B 499 6.02 13.37 -26.68
CA THR B 499 4.90 13.61 -27.61
C THR B 499 5.37 13.92 -29.04
N GLY B 500 6.63 14.34 -29.17
CA GLY B 500 7.23 14.66 -30.46
C GLY B 500 6.78 16.02 -30.92
N LYS B 501 6.40 16.86 -29.96
CA LYS B 501 5.81 18.14 -30.28
C LYS B 501 6.61 19.27 -29.65
N ARG B 502 6.79 20.32 -30.45
CA ARG B 502 7.51 21.48 -30.01
C ARG B 502 6.65 22.29 -29.05
N LEU B 503 6.95 22.14 -27.76
CA LEU B 503 6.23 22.86 -26.71
C LEU B 503 6.86 24.22 -26.47
N ALA B 504 6.05 25.15 -25.95
CA ALA B 504 6.46 26.54 -25.67
C ALA B 504 5.70 27.04 -24.44
N PHE B 505 6.39 27.80 -23.58
CA PHE B 505 5.78 28.33 -22.36
C PHE B 505 5.43 29.82 -22.54
N VAL B 506 4.27 30.24 -22.03
CA VAL B 506 3.73 31.59 -22.24
C VAL B 506 2.96 32.12 -21.00
N PHE B 507 2.83 33.44 -20.87
CA PHE B 507 1.98 34.06 -19.83
C PHE B 507 0.73 34.74 -20.39
C1 MPD C . 5.57 7.29 9.01
C2 MPD C . 4.57 8.44 8.95
O2 MPD C . 5.02 9.52 9.81
CM MPD C . 4.50 9.00 7.53
C3 MPD C . 3.25 7.92 9.51
C4 MPD C . 2.11 8.91 9.37
O4 MPD C . 1.74 9.01 8.02
C5 MPD C . 0.91 8.45 10.16
C ACT D . -7.74 -9.10 15.00
O ACT D . -8.45 -9.46 15.93
OXT ACT D . -8.18 -8.09 14.37
CH3 ACT D . -6.47 -9.82 14.65
CL CL E . -7.82 -13.46 8.23
CL CL F . -8.96 -19.80 7.22
C1 MPD G . -14.05 0.31 -1.85
C2 MPD G . -12.60 0.70 -1.83
O2 MPD G . -12.02 0.22 -0.62
CM MPD G . -12.45 2.20 -1.76
C3 MPD G . -11.90 -0.05 -2.96
C4 MPD G . -11.84 -1.56 -2.60
O4 MPD G . -13.05 -2.20 -2.95
C5 MPD G . -10.61 -2.23 -3.21
C ACT H . -20.95 1.32 12.27
O ACT H . -22.03 0.70 12.49
OXT ACT H . -19.90 0.78 12.71
CH3 ACT H . -20.92 2.62 11.51
#